data_4GRM
#
_entry.id   4GRM
#
_cell.length_a   90.491
_cell.length_b   51.969
_cell.length_c   95.218
_cell.angle_alpha   90.00
_cell.angle_beta   104.94
_cell.angle_gamma   90.00
#
_symmetry.space_group_name_H-M   'P 1 21 1'
#
loop_
_entity.id
_entity.type
_entity.pdbx_description
1 polymer 'A6 alpha chain'
2 polymer 'A6 beta chain'
3 water water
#
loop_
_entity_poly.entity_id
_entity_poly.type
_entity_poly.pdbx_seq_one_letter_code
_entity_poly.pdbx_strand_id
1 'polypeptide(L)'
;KEVEQNSGPLSVPEGAIASLNCTYSDRGSQSFFWYRQYSGKSPELIMSIYSNGDKEDGRFTAQLNKASQYVSLLIRDSQP
SDSATYLCAVTTDSWGKLQFGAGTQVVVTPDIQNPDPAVYQLRDSKSSDKSVCLFTDFDSQTNVSQSKDSDVYITDKCVL
DMRSMDFKSNSAVAWSNKSDFACANAFNNSIIPE
;
A,C
2 'polypeptide(L)'
;NAGVTQTPKFQVLKTGQSMTLQCAQDMNHEYMSWYRQDPGMGLRLIHYSVGAGITDQGEVPNGYNVSRSTTEDFPLRLLS
AAPSQTSVYFCASRPGLMSAQPEQYFGPGTRLTVTEDLKNVFPPEVAVFEPSEAEISHTQKATLVCLATGFYPDHVELSW
WVNGKEVHSGVCTDPQPLKEQPALNDSRYALSSRLRVSATFWQDPRNHFRCQVQFYGLSENDEWTQDRAKPVTQIVSAEA
WGRAD
;
B,D
#
# COMPACT_ATOMS: atom_id res chain seq x y z
N GLU A 2 -45.10 -8.22 -11.66
CA GLU A 2 -44.14 -7.62 -12.63
C GLU A 2 -43.92 -6.13 -12.37
N VAL A 3 -42.64 -5.76 -12.34
CA VAL A 3 -42.22 -4.35 -12.15
C VAL A 3 -41.40 -3.87 -13.35
N GLU A 4 -41.91 -2.88 -14.06
CA GLU A 4 -41.34 -2.44 -15.33
C GLU A 4 -41.01 -0.97 -15.19
N GLN A 5 -39.77 -0.59 -15.44
CA GLN A 5 -39.34 0.83 -15.42
C GLN A 5 -38.97 1.33 -16.81
N ASN A 6 -39.05 2.65 -17.08
CA ASN A 6 -38.64 3.15 -18.39
C ASN A 6 -37.14 3.00 -18.65
N SER A 7 -36.80 2.78 -19.91
CA SER A 7 -35.47 2.38 -20.28
C SER A 7 -34.53 3.59 -20.24
N GLY A 8 -33.31 3.40 -19.73
CA GLY A 8 -32.30 4.47 -19.71
C GLY A 8 -31.12 4.16 -20.60
N PRO A 9 -29.98 4.86 -20.40
CA PRO A 9 -29.83 5.94 -19.46
C PRO A 9 -30.62 7.15 -19.99
N LEU A 10 -31.15 7.95 -19.10
CA LEU A 10 -31.79 9.23 -19.47
C LEU A 10 -30.92 10.43 -19.14
N SER A 11 -30.63 11.25 -20.17
CA SER A 11 -29.86 12.47 -19.96
C SER A 11 -30.76 13.60 -19.63
N VAL A 12 -30.39 14.38 -18.62
CA VAL A 12 -31.24 15.47 -18.14
C VAL A 12 -30.32 16.68 -17.96
N PRO A 13 -30.61 17.81 -18.59
CA PRO A 13 -29.78 18.98 -18.37
C PRO A 13 -29.90 19.42 -16.94
N GLU A 14 -28.81 19.96 -16.41
CA GLU A 14 -28.80 20.39 -15.01
C GLU A 14 -29.93 21.41 -14.86
N GLY A 15 -30.70 21.32 -13.79
CA GLY A 15 -31.82 22.32 -13.66
C GLY A 15 -33.21 21.83 -14.14
N ALA A 16 -33.23 20.83 -15.00
CA ALA A 16 -34.47 20.29 -15.57
C ALA A 16 -35.06 19.21 -14.65
N ILE A 17 -36.10 18.52 -15.11
CA ILE A 17 -36.73 17.50 -14.32
C ILE A 17 -36.42 16.11 -14.84
N ALA A 18 -35.88 15.26 -13.96
CA ALA A 18 -35.65 13.89 -14.33
C ALA A 18 -36.96 13.14 -14.07
N SER A 19 -37.44 12.40 -15.05
CA SER A 19 -38.75 11.82 -14.81
C SER A 19 -38.80 10.32 -15.05
N LEU A 20 -39.17 9.58 -14.01
CA LEU A 20 -38.94 8.17 -14.01
C LEU A 20 -40.29 7.56 -13.82
N ASN A 21 -40.54 6.42 -14.45
CA ASN A 21 -41.71 5.74 -14.03
C ASN A 21 -41.56 4.24 -14.00
N CYS A 22 -42.67 3.60 -13.73
CA CYS A 22 -42.65 2.27 -13.18
C CYS A 22 -44.09 1.75 -13.21
N THR A 23 -44.30 0.65 -13.91
CA THR A 23 -45.60 0.00 -13.82
C THR A 23 -45.44 -1.28 -13.06
N TYR A 24 -46.51 -1.62 -12.35
CA TYR A 24 -46.65 -2.88 -11.65
C TYR A 24 -47.89 -3.62 -12.14
N SER A 25 -47.77 -4.92 -12.35
CA SER A 25 -48.89 -5.74 -12.82
C SER A 25 -49.99 -5.96 -11.76
N ASP A 26 -49.62 -6.52 -10.61
CA ASP A 26 -50.58 -6.77 -9.51
C ASP A 26 -51.29 -5.51 -8.95
N ARG A 27 -52.59 -5.38 -9.24
CA ARG A 27 -53.39 -4.21 -8.82
C ARG A 27 -53.65 -4.14 -7.30
N GLY A 28 -53.38 -5.25 -6.60
CA GLY A 28 -53.50 -5.30 -5.15
C GLY A 28 -52.19 -5.08 -4.40
N SER A 29 -51.32 -4.24 -4.95
CA SER A 29 -50.06 -3.90 -4.31
C SER A 29 -50.31 -2.78 -3.31
N GLN A 30 -49.61 -2.80 -2.21
CA GLN A 30 -50.00 -1.94 -1.10
C GLN A 30 -49.03 -0.78 -0.90
N SER A 31 -47.76 -1.04 -1.20
CA SER A 31 -46.67 -0.13 -0.84
C SER A 31 -45.68 0.06 -2.00
N PHE A 32 -45.19 1.29 -2.11
CA PHE A 32 -44.34 1.70 -3.25
C PHE A 32 -43.15 2.55 -2.84
N PHE A 33 -42.02 2.21 -3.45
CA PHE A 33 -40.72 2.72 -3.03
C PHE A 33 -39.82 3.08 -4.20
N TRP A 34 -38.99 4.08 -3.95
CA TRP A 34 -37.95 4.48 -4.87
C TRP A 34 -36.65 4.39 -4.19
N TYR A 35 -35.70 3.70 -4.79
CA TYR A 35 -34.35 3.67 -4.24
C TYR A 35 -33.44 4.38 -5.19
N ARG A 36 -32.43 5.05 -4.63
CA ARG A 36 -31.30 5.62 -5.35
C ARG A 36 -30.03 4.75 -5.15
N GLN A 37 -29.40 4.36 -6.27
CA GLN A 37 -28.16 3.63 -6.23
C GLN A 37 -27.06 4.33 -7.06
N TYR A 38 -26.11 4.94 -6.37
CA TYR A 38 -24.88 5.46 -7.04
C TYR A 38 -24.06 4.31 -7.57
N SER A 39 -23.28 4.57 -8.60
CA SER A 39 -22.50 3.55 -9.23
C SER A 39 -21.54 2.86 -8.19
N GLY A 40 -21.49 1.53 -8.19
CA GLY A 40 -20.67 0.75 -7.23
C GLY A 40 -21.15 0.76 -5.80
N LYS A 41 -22.32 1.34 -5.55
CA LYS A 41 -22.76 1.55 -4.20
C LYS A 41 -24.05 0.75 -3.93
N SER A 42 -24.61 0.87 -2.74
CA SER A 42 -25.81 0.10 -2.42
C SER A 42 -27.07 0.96 -2.57
N PRO A 43 -28.24 0.33 -2.84
CA PRO A 43 -29.53 1.00 -2.95
C PRO A 43 -29.90 1.68 -1.67
N GLU A 44 -30.45 2.88 -1.75
CA GLU A 44 -30.78 3.67 -0.60
C GLU A 44 -32.20 4.16 -0.80
N LEU A 45 -33.01 4.00 0.22
CA LEU A 45 -34.41 4.30 0.09
C LEU A 45 -34.52 5.81 0.09
N ILE A 46 -35.24 6.35 -0.89
CA ILE A 46 -35.43 7.79 -0.88
C ILE A 46 -36.88 8.22 -0.85
N MET A 47 -37.81 7.37 -1.30
CA MET A 47 -39.23 7.76 -1.21
C MET A 47 -40.09 6.54 -0.94
N SER A 48 -41.06 6.74 -0.05
CA SER A 48 -42.11 5.74 0.19
C SER A 48 -43.44 6.39 -0.11
N ILE A 49 -44.27 5.66 -0.83
CA ILE A 49 -45.61 6.13 -1.12
C ILE A 49 -46.64 5.00 -1.00
N TYR A 50 -47.77 5.37 -0.39
CA TYR A 50 -48.78 4.39 0.01
C TYR A 50 -50.16 4.72 -0.55
N SER A 51 -50.54 5.99 -0.50
CA SER A 51 -51.83 6.38 -1.07
C SER A 51 -51.68 7.16 -2.38
N ASN A 52 -52.75 7.07 -3.18
CA ASN A 52 -52.88 7.77 -4.45
C ASN A 52 -52.55 9.27 -4.33
N GLY A 53 -51.83 9.80 -5.32
CA GLY A 53 -51.48 11.23 -5.36
C GLY A 53 -50.00 11.57 -5.27
N ASP A 54 -49.72 12.75 -4.72
CA ASP A 54 -48.38 13.34 -4.66
C ASP A 54 -47.73 13.29 -3.28
N LYS A 55 -46.44 13.00 -3.24
CA LYS A 55 -45.69 13.10 -2.01
C LYS A 55 -44.37 13.75 -2.35
N GLU A 56 -43.98 14.74 -1.55
CA GLU A 56 -42.78 15.53 -1.80
C GLU A 56 -41.76 15.43 -0.68
N ASP A 57 -40.48 15.37 -1.05
CA ASP A 57 -39.40 15.48 -0.08
C ASP A 57 -38.16 16.09 -0.71
N GLY A 58 -37.89 17.34 -0.34
CA GLY A 58 -36.78 18.09 -0.93
C GLY A 58 -37.14 18.33 -2.38
N ARG A 59 -36.29 17.86 -3.28
CA ARG A 59 -36.53 18.07 -4.70
C ARG A 59 -37.23 16.86 -5.29
N PHE A 60 -37.58 15.88 -4.44
CA PHE A 60 -38.23 14.66 -4.95
C PHE A 60 -39.73 14.80 -4.85
N THR A 61 -40.41 14.41 -5.93
CA THR A 61 -41.84 14.25 -5.90
C THR A 61 -42.19 12.85 -6.40
N ALA A 62 -42.75 12.02 -5.53
CA ALA A 62 -43.25 10.72 -5.95
C ALA A 62 -44.75 10.79 -6.22
N GLN A 63 -45.22 10.00 -7.18
CA GLN A 63 -46.63 10.01 -7.52
C GLN A 63 -47.13 8.59 -7.75
N LEU A 64 -48.29 8.30 -7.17
CA LEU A 64 -48.92 7.00 -7.32
C LEU A 64 -50.32 7.19 -7.91
N ASN A 65 -50.57 6.37 -8.91
CA ASN A 65 -51.84 6.32 -9.62
C ASN A 65 -52.16 4.84 -9.63
N LYS A 66 -52.87 4.42 -8.58
CA LYS A 66 -53.37 3.06 -8.46
C LYS A 66 -54.31 2.76 -9.66
N ALA A 67 -55.17 3.72 -9.99
CA ALA A 67 -56.04 3.65 -11.17
C ALA A 67 -55.25 3.16 -12.38
N SER A 68 -54.27 3.95 -12.84
CA SER A 68 -53.44 3.58 -14.00
C SER A 68 -52.38 2.49 -13.68
N GLN A 69 -52.17 2.19 -12.39
CA GLN A 69 -51.15 1.20 -11.97
C GLN A 69 -49.66 1.59 -12.26
N TYR A 70 -49.32 2.88 -12.09
CA TYR A 70 -47.95 3.33 -12.22
C TYR A 70 -47.58 4.16 -11.00
N VAL A 71 -46.29 4.13 -10.70
CA VAL A 71 -45.72 5.06 -9.79
C VAL A 71 -44.67 5.79 -10.63
N SER A 72 -44.50 7.06 -10.31
CA SER A 72 -43.42 7.81 -10.92
C SER A 72 -42.66 8.56 -9.86
N LEU A 73 -41.49 9.04 -10.26
CA LEU A 73 -40.61 9.84 -9.44
C LEU A 73 -40.05 10.95 -10.36
N LEU A 74 -40.22 12.18 -9.92
CA LEU A 74 -39.67 13.37 -10.52
C LEU A 74 -38.62 13.89 -9.58
N ILE A 75 -37.46 14.27 -10.14
CA ILE A 75 -36.41 14.95 -9.40
C ILE A 75 -36.40 16.33 -10.03
N ARG A 76 -36.73 17.34 -9.25
CA ARG A 76 -36.77 18.73 -9.70
C ARG A 76 -35.41 19.41 -9.56
N ASP A 77 -35.15 20.44 -10.39
CA ASP A 77 -33.87 21.19 -10.35
C ASP A 77 -32.66 20.22 -10.24
N SER A 78 -32.60 19.30 -11.20
CA SER A 78 -31.66 18.22 -11.17
C SER A 78 -30.26 18.79 -11.06
N GLN A 79 -29.42 18.14 -10.27
CA GLN A 79 -27.98 18.47 -10.14
C GLN A 79 -27.13 17.27 -10.60
N PRO A 80 -25.90 17.52 -11.04
CA PRO A 80 -25.01 16.45 -11.48
C PRO A 80 -24.85 15.41 -10.39
N SER A 81 -24.94 15.83 -9.13
CA SER A 81 -24.76 14.84 -8.05
C SER A 81 -25.95 13.87 -7.87
N ASP A 82 -27.05 14.13 -8.58
CA ASP A 82 -28.20 13.20 -8.72
C ASP A 82 -27.98 12.09 -9.74
N SER A 83 -26.85 12.10 -10.48
CA SER A 83 -26.62 11.05 -11.44
C SER A 83 -26.49 9.73 -10.68
N ALA A 84 -27.31 8.76 -11.07
CA ALA A 84 -27.45 7.51 -10.33
C ALA A 84 -28.40 6.58 -11.09
N THR A 85 -28.55 5.36 -10.58
CA THR A 85 -29.67 4.47 -10.99
C THR A 85 -30.76 4.56 -9.97
N TYR A 86 -31.99 4.72 -10.48
CA TYR A 86 -33.12 4.77 -9.62
C TYR A 86 -33.96 3.51 -9.82
N LEU A 87 -34.29 2.85 -8.69
CA LEU A 87 -35.03 1.62 -8.80
C LEU A 87 -36.40 1.76 -8.13
N CYS A 88 -37.36 1.11 -8.74
CA CYS A 88 -38.77 1.12 -8.25
C CYS A 88 -38.92 -0.23 -7.60
N ALA A 89 -39.47 -0.21 -6.40
CA ALA A 89 -39.81 -1.49 -5.73
C ALA A 89 -41.27 -1.49 -5.28
N VAL A 90 -41.93 -2.59 -5.53
CA VAL A 90 -43.33 -2.74 -5.11
C VAL A 90 -43.51 -3.91 -4.13
N THR A 91 -44.42 -3.73 -3.18
CA THR A 91 -44.71 -4.75 -2.17
C THR A 91 -46.04 -5.47 -2.42
N THR A 92 -46.07 -6.76 -2.13
CA THR A 92 -47.27 -7.59 -2.30
C THR A 92 -47.86 -7.96 -0.94
N GLY A 96 -44.36 -7.99 3.70
CA GLY A 96 -43.85 -6.88 2.92
C GLY A 96 -42.72 -7.23 1.97
N LYS A 97 -42.86 -8.36 1.26
CA LYS A 97 -41.86 -8.83 0.30
C LYS A 97 -41.76 -7.90 -0.92
N LEU A 98 -40.53 -7.52 -1.29
CA LEU A 98 -40.31 -6.52 -2.36
C LEU A 98 -39.95 -7.11 -3.69
N GLN A 99 -40.57 -6.58 -4.74
CA GLN A 99 -40.17 -6.90 -6.09
C GLN A 99 -39.59 -5.63 -6.74
N PHE A 100 -38.43 -5.77 -7.38
CA PHE A 100 -37.63 -4.63 -7.86
C PHE A 100 -37.65 -4.51 -9.35
N GLY A 101 -37.81 -3.30 -9.85
CA GLY A 101 -37.61 -3.06 -11.29
C GLY A 101 -36.12 -3.13 -11.67
N ALA A 102 -35.83 -3.09 -12.96
CA ALA A 102 -34.48 -3.21 -13.44
C ALA A 102 -33.67 -1.91 -13.30
N GLY A 103 -34.34 -0.82 -12.93
CA GLY A 103 -33.71 0.44 -12.59
C GLY A 103 -33.55 1.35 -13.84
N THR A 104 -33.53 2.67 -13.65
CA THR A 104 -33.25 3.58 -14.79
C THR A 104 -32.06 4.46 -14.45
N GLN A 105 -31.04 4.43 -15.29
CA GLN A 105 -29.89 5.31 -15.03
C GLN A 105 -30.22 6.74 -15.45
N VAL A 106 -30.01 7.68 -14.55
CA VAL A 106 -30.13 9.07 -14.90
C VAL A 106 -28.69 9.72 -14.94
N VAL A 107 -28.41 10.54 -15.95
CA VAL A 107 -27.14 11.26 -16.10
C VAL A 107 -27.50 12.76 -16.15
N VAL A 108 -27.21 13.52 -15.09
CA VAL A 108 -27.53 14.93 -15.12
C VAL A 108 -26.31 15.67 -15.62
N THR A 109 -26.37 16.22 -16.83
CA THR A 109 -25.17 16.89 -17.38
C THR A 109 -25.02 18.34 -16.89
N PRO A 110 -23.74 18.76 -16.59
CA PRO A 110 -23.54 20.07 -16.01
C PRO A 110 -23.82 21.14 -17.06
N ASP A 111 -24.30 22.32 -16.62
CA ASP A 111 -24.37 23.47 -17.48
C ASP A 111 -22.95 24.11 -17.54
N ILE A 112 -22.20 23.85 -18.58
CA ILE A 112 -20.79 24.39 -18.63
C ILE A 112 -20.80 25.88 -18.96
N GLN A 113 -20.40 26.74 -18.02
CA GLN A 113 -20.61 28.19 -18.20
C GLN A 113 -19.63 28.86 -19.21
N ASN A 114 -18.36 28.51 -19.11
CA ASN A 114 -17.38 29.06 -20.02
C ASN A 114 -16.57 27.95 -20.72
N PRO A 115 -17.16 27.27 -21.70
CA PRO A 115 -16.42 26.18 -22.31
C PRO A 115 -15.07 26.64 -22.92
N ASP A 116 -14.06 25.78 -22.90
CA ASP A 116 -12.78 26.10 -23.51
C ASP A 116 -12.19 24.78 -24.00
N PRO A 117 -12.90 24.12 -24.95
CA PRO A 117 -12.55 22.75 -25.32
C PRO A 117 -11.09 22.66 -25.80
N ALA A 118 -10.37 21.66 -25.35
CA ALA A 118 -8.95 21.55 -25.65
C ALA A 118 -8.48 20.16 -25.32
N VAL A 119 -7.44 19.75 -26.04
CA VAL A 119 -6.74 18.50 -25.85
C VAL A 119 -5.37 18.78 -25.39
N TYR A 120 -4.96 18.05 -24.34
CA TYR A 120 -3.66 18.24 -23.77
C TYR A 120 -2.97 16.90 -23.64
N GLN A 121 -1.66 16.92 -23.74
CA GLN A 121 -0.92 15.66 -23.63
C GLN A 121 -0.25 15.67 -22.28
N LEU A 122 -0.38 14.58 -21.52
CA LEU A 122 0.22 14.53 -20.17
C LEU A 122 1.24 13.42 -20.12
N ARG A 123 2.37 13.65 -19.45
CA ARG A 123 3.42 12.62 -19.39
C ARG A 123 3.50 11.98 -18.07
N ASP A 124 3.99 10.76 -18.08
CA ASP A 124 4.21 10.00 -16.86
C ASP A 124 5.15 10.67 -15.90
N SER A 125 4.77 10.69 -14.62
CA SER A 125 5.69 11.27 -13.63
C SER A 125 6.94 10.39 -13.36
N LYS A 126 6.90 9.12 -13.79
CA LYS A 126 7.99 8.14 -13.56
C LYS A 126 8.91 7.99 -14.79
N SER A 127 8.39 7.41 -15.86
CA SER A 127 9.21 7.06 -17.02
C SER A 127 9.44 8.23 -18.01
N SER A 128 8.50 9.18 -18.07
CA SER A 128 8.52 10.31 -19.03
C SER A 128 8.41 9.88 -20.52
N ASP A 129 8.60 8.59 -20.78
CA ASP A 129 8.37 7.95 -22.09
C ASP A 129 6.87 7.81 -22.43
N LYS A 130 6.05 7.59 -21.41
CA LYS A 130 4.65 7.27 -21.61
C LYS A 130 3.78 8.51 -21.41
N SER A 131 2.74 8.64 -22.21
CA SER A 131 1.75 9.73 -22.03
C SER A 131 0.29 9.27 -22.24
N VAL A 132 -0.64 10.17 -21.88
CA VAL A 132 -2.05 10.05 -22.17
C VAL A 132 -2.54 11.35 -22.78
N CYS A 133 -3.71 11.35 -23.42
CA CYS A 133 -4.29 12.61 -23.96
C CYS A 133 -5.52 12.90 -23.15
N LEU A 134 -5.73 14.16 -22.76
CA LEU A 134 -6.90 14.54 -21.98
C LEU A 134 -7.67 15.54 -22.82
N PHE A 135 -8.95 15.25 -23.14
CA PHE A 135 -9.86 16.19 -23.78
C PHE A 135 -10.67 16.76 -22.63
N THR A 136 -10.65 18.08 -22.41
CA THR A 136 -11.33 18.66 -21.29
C THR A 136 -11.98 20.00 -21.61
N ASP A 137 -12.94 20.40 -20.74
CA ASP A 137 -13.55 21.73 -20.70
C ASP A 137 -14.50 21.97 -21.88
N PHE A 138 -15.00 20.90 -22.52
CA PHE A 138 -16.01 21.02 -23.56
C PHE A 138 -17.40 21.09 -22.96
N ASP A 139 -18.36 21.55 -23.75
CA ASP A 139 -19.76 21.69 -23.23
C ASP A 139 -20.50 20.37 -23.23
N SER A 140 -21.65 20.27 -22.55
CA SER A 140 -22.19 18.92 -22.31
C SER A 140 -22.93 18.33 -23.54
N GLN A 141 -23.16 19.15 -24.55
CA GLN A 141 -23.70 18.69 -25.87
C GLN A 141 -22.64 17.99 -26.69
N THR A 142 -21.39 18.09 -26.24
CA THR A 142 -20.29 17.59 -27.04
C THR A 142 -20.16 16.09 -27.02
N ASN A 143 -19.99 15.55 -28.21
CA ASN A 143 -19.91 14.12 -28.36
C ASN A 143 -18.49 13.57 -28.39
N VAL A 144 -18.24 12.58 -27.54
CA VAL A 144 -16.92 11.95 -27.56
C VAL A 144 -17.18 10.55 -28.17
N SER A 145 -16.65 10.30 -29.35
CA SER A 145 -16.86 8.98 -29.98
C SER A 145 -15.76 7.99 -29.67
N GLN A 146 -16.09 6.69 -29.71
CA GLN A 146 -15.10 5.63 -29.50
C GLN A 146 -14.00 5.65 -30.58
N SER A 147 -12.89 4.98 -30.32
CA SER A 147 -11.76 5.00 -31.26
C SER A 147 -12.05 4.23 -32.55
N LYS A 148 -11.45 4.73 -33.64
CA LYS A 148 -11.46 4.03 -34.92
C LYS A 148 -10.34 2.97 -34.93
N ASP A 149 -10.06 2.34 -33.78
CA ASP A 149 -8.83 1.54 -33.58
C ASP A 149 -8.83 0.69 -32.28
N SER A 150 -8.41 -0.58 -32.38
CA SER A 150 -8.43 -1.50 -31.20
C SER A 150 -7.26 -1.30 -30.23
N ASP A 151 -6.22 -0.58 -30.68
CA ASP A 151 -5.08 -0.19 -29.82
C ASP A 151 -5.14 1.24 -29.19
N VAL A 152 -6.24 1.93 -29.43
CA VAL A 152 -6.44 3.28 -28.90
C VAL A 152 -7.64 3.22 -27.98
N TYR A 153 -7.47 3.59 -26.72
CA TYR A 153 -8.59 3.54 -25.79
C TYR A 153 -9.06 4.94 -25.48
N ILE A 154 -10.38 5.10 -25.38
CA ILE A 154 -11.00 6.40 -25.10
C ILE A 154 -12.07 6.20 -24.06
N THR A 155 -11.98 6.89 -22.90
CA THR A 155 -13.00 6.77 -21.87
C THR A 155 -14.28 7.51 -22.22
N ASP A 156 -15.36 7.23 -21.50
CA ASP A 156 -16.58 8.03 -21.55
C ASP A 156 -16.27 9.36 -20.90
N LYS A 157 -17.09 10.36 -21.10
CA LYS A 157 -16.84 11.64 -20.44
C LYS A 157 -17.18 11.55 -18.98
N CYS A 158 -16.54 12.38 -18.16
CA CYS A 158 -16.67 12.22 -16.75
C CYS A 158 -16.74 13.69 -16.28
N VAL A 159 -17.57 13.94 -15.29
CA VAL A 159 -17.78 15.29 -14.80
C VAL A 159 -17.03 15.51 -13.46
N LEU A 160 -16.24 16.54 -13.33
CA LEU A 160 -15.50 16.74 -12.08
C LEU A 160 -15.89 18.09 -11.52
N ASP A 161 -15.99 18.17 -10.18
CA ASP A 161 -16.51 19.34 -9.49
C ASP A 161 -15.43 19.92 -8.55
N MET A 162 -14.81 21.02 -8.95
CA MET A 162 -13.80 21.66 -8.05
C MET A 162 -14.53 22.60 -7.09
N ARG A 163 -14.98 22.07 -5.97
CA ARG A 163 -15.74 22.88 -5.00
C ARG A 163 -14.89 24.08 -4.52
N SER A 164 -13.56 23.94 -4.57
CA SER A 164 -12.69 25.08 -4.20
C SER A 164 -12.80 26.29 -5.15
N MET A 165 -13.44 26.09 -6.30
CA MET A 165 -13.59 27.16 -7.26
C MET A 165 -14.98 27.30 -7.84
N ASP A 166 -15.97 26.60 -7.29
CA ASP A 166 -17.32 26.50 -7.85
C ASP A 166 -17.21 26.26 -9.36
N PHE A 167 -16.53 25.17 -9.72
CA PHE A 167 -16.21 24.96 -11.11
C PHE A 167 -16.30 23.51 -11.48
N LYS A 168 -17.11 23.22 -12.47
CA LYS A 168 -17.24 21.86 -12.96
C LYS A 168 -16.66 21.81 -14.35
N SER A 169 -16.21 20.62 -14.75
CA SER A 169 -15.71 20.46 -16.09
C SER A 169 -15.90 19.02 -16.54
N ASN A 170 -16.10 18.88 -17.85
CA ASN A 170 -16.15 17.57 -18.49
C ASN A 170 -14.81 17.17 -18.91
N SER A 171 -14.52 15.87 -18.85
CA SER A 171 -13.29 15.40 -19.53
C SER A 171 -13.42 13.95 -20.07
N ALA A 172 -12.52 13.57 -20.91
CA ALA A 172 -12.39 12.15 -21.34
C ALA A 172 -10.89 11.96 -21.59
N VAL A 173 -10.43 10.73 -21.42
CA VAL A 173 -9.02 10.49 -21.46
C VAL A 173 -8.81 9.48 -22.57
N ALA A 174 -7.71 9.62 -23.32
CA ALA A 174 -7.35 8.56 -24.26
C ALA A 174 -5.90 8.09 -24.14
N TRP A 175 -5.60 6.84 -24.52
CA TRP A 175 -4.19 6.45 -24.57
C TRP A 175 -4.03 5.28 -25.47
N SER A 176 -2.78 5.04 -25.85
CA SER A 176 -2.38 3.97 -26.79
C SER A 176 -0.94 3.58 -26.62
N ASN A 177 -0.63 2.39 -27.14
CA ASN A 177 0.70 1.76 -27.03
C ASN A 177 1.57 2.11 -28.23
N LYS A 178 0.95 2.00 -29.41
CA LYS A 178 1.53 2.43 -30.66
C LYS A 178 2.22 3.80 -30.51
N SER A 179 3.55 3.80 -30.61
CA SER A 179 4.33 5.06 -30.58
C SER A 179 4.31 5.72 -31.97
N ASP A 180 4.54 7.03 -32.00
CA ASP A 180 4.10 7.88 -33.11
C ASP A 180 2.59 8.15 -32.94
N PHE A 181 2.06 7.76 -31.76
CA PHE A 181 0.68 8.05 -31.34
C PHE A 181 0.58 9.47 -30.85
N ALA A 182 -0.35 10.18 -31.44
CA ALA A 182 -0.49 11.57 -31.21
C ALA A 182 -1.92 11.80 -30.72
N CYS A 183 -2.01 12.70 -29.76
CA CYS A 183 -3.28 13.14 -29.25
C CYS A 183 -4.09 13.62 -30.41
N ALA A 184 -3.42 14.18 -31.40
CA ALA A 184 -4.09 14.62 -32.61
C ALA A 184 -5.00 13.52 -33.20
N ASN A 185 -4.61 12.25 -33.09
CA ASN A 185 -5.45 11.11 -33.61
C ASN A 185 -6.59 10.75 -32.74
N ALA A 186 -6.40 10.99 -31.44
CA ALA A 186 -7.13 10.31 -30.41
C ALA A 186 -8.60 10.59 -30.43
N PHE A 187 -8.99 11.86 -30.46
CA PHE A 187 -10.41 12.19 -30.38
C PHE A 187 -10.97 12.62 -31.77
N ASN A 188 -11.73 11.71 -32.40
CA ASN A 188 -12.28 11.94 -33.74
C ASN A 188 -13.57 11.16 -34.00
N GLY B 3 -24.80 -0.48 11.33
CA GLY B 3 -25.73 -0.75 10.19
C GLY B 3 -25.45 -2.14 9.64
N VAL B 4 -25.72 -2.38 8.34
CA VAL B 4 -25.51 -3.73 7.72
C VAL B 4 -24.10 -3.87 7.15
N THR B 5 -23.34 -4.88 7.56
CA THR B 5 -22.00 -5.01 7.06
C THR B 5 -21.87 -6.39 6.38
N GLN B 6 -21.05 -6.45 5.34
CA GLN B 6 -20.85 -7.63 4.47
C GLN B 6 -19.39 -7.83 4.28
N THR B 7 -18.97 -9.08 4.21
CA THR B 7 -17.57 -9.50 4.07
C THR B 7 -17.62 -10.64 3.07
N PRO B 8 -16.66 -10.70 2.12
CA PRO B 8 -15.71 -9.65 1.69
C PRO B 8 -16.39 -8.63 0.76
N LYS B 9 -15.65 -7.62 0.31
CA LYS B 9 -16.26 -6.65 -0.59
C LYS B 9 -16.20 -7.19 -2.01
N PHE B 10 -15.22 -8.06 -2.25
CA PHE B 10 -14.88 -8.54 -3.58
C PHE B 10 -14.30 -9.93 -3.44
N GLN B 11 -14.44 -10.76 -4.46
CA GLN B 11 -13.93 -12.11 -4.37
C GLN B 11 -13.87 -12.66 -5.76
N VAL B 12 -12.71 -13.19 -6.14
CA VAL B 12 -12.66 -13.98 -7.35
C VAL B 12 -12.64 -15.47 -6.99
N LEU B 13 -13.34 -16.28 -7.79
CA LEU B 13 -13.38 -17.76 -7.62
C LEU B 13 -13.10 -18.53 -8.92
N LYS B 14 -12.50 -19.70 -8.76
CA LYS B 14 -12.39 -20.66 -9.85
C LYS B 14 -13.70 -21.45 -9.85
N THR B 15 -14.18 -21.77 -11.05
CA THR B 15 -15.46 -22.49 -11.20
C THR B 15 -15.33 -23.71 -10.29
N GLY B 16 -16.43 -24.07 -9.65
CA GLY B 16 -16.36 -25.19 -8.73
C GLY B 16 -16.06 -24.87 -7.27
N GLN B 17 -15.24 -23.86 -7.00
CA GLN B 17 -14.93 -23.50 -5.61
C GLN B 17 -16.20 -23.07 -4.90
N SER B 18 -16.23 -23.21 -3.57
CA SER B 18 -17.41 -22.79 -2.81
C SER B 18 -17.03 -21.53 -2.01
N MET B 19 -18.01 -20.79 -1.51
CA MET B 19 -17.74 -19.54 -0.80
C MET B 19 -18.84 -19.13 0.19
N THR B 20 -18.44 -18.44 1.26
CA THR B 20 -19.39 -17.91 2.21
C THR B 20 -19.31 -16.41 2.28
N LEU B 21 -20.40 -15.74 1.92
CA LEU B 21 -20.50 -14.29 2.13
C LEU B 21 -21.15 -14.02 3.50
N GLN B 22 -20.53 -13.16 4.29
CA GLN B 22 -21.05 -12.88 5.65
C GLN B 22 -21.88 -11.62 5.59
N CYS B 23 -22.99 -11.62 6.30
CA CYS B 23 -23.77 -10.44 6.49
C CYS B 23 -24.08 -10.31 7.99
N ALA B 24 -23.80 -9.12 8.56
CA ALA B 24 -24.12 -8.79 9.95
C ALA B 24 -24.81 -7.44 10.12
N GLN B 25 -25.66 -7.43 11.12
CA GLN B 25 -26.53 -6.31 11.39
C GLN B 25 -26.74 -6.34 12.90
N ASP B 26 -26.20 -5.30 13.56
CA ASP B 26 -26.27 -5.19 15.02
C ASP B 26 -27.42 -4.25 15.41
N MET B 27 -28.48 -4.25 14.60
CA MET B 27 -29.61 -3.36 14.80
C MET B 27 -30.81 -4.14 15.36
N ASN B 28 -30.56 -5.39 15.77
CA ASN B 28 -31.58 -6.26 16.32
C ASN B 28 -32.73 -6.44 15.38
N HIS B 29 -32.49 -6.19 14.10
CA HIS B 29 -33.48 -6.45 13.06
C HIS B 29 -33.77 -7.90 12.90
N GLU B 30 -35.04 -8.24 12.69
CA GLU B 30 -35.46 -9.64 12.66
C GLU B 30 -35.57 -10.16 11.24
N TYR B 31 -35.73 -9.26 10.28
CA TYR B 31 -35.88 -9.68 8.90
C TYR B 31 -34.58 -9.44 8.09
N MET B 32 -34.16 -10.45 7.30
CA MET B 32 -32.90 -10.40 6.54
C MET B 32 -33.01 -11.09 5.15
N SER B 33 -32.39 -10.47 4.14
CA SER B 33 -32.55 -11.00 2.77
C SER B 33 -31.25 -10.92 2.05
N TRP B 34 -31.05 -11.80 1.08
CA TRP B 34 -29.98 -11.70 0.15
C TRP B 34 -30.52 -11.54 -1.23
N TYR B 35 -29.96 -10.61 -1.99
CA TYR B 35 -30.33 -10.38 -3.39
C TYR B 35 -29.08 -10.51 -4.20
N ARG B 36 -29.18 -10.97 -5.44
CA ARG B 36 -28.14 -10.66 -6.41
C ARG B 36 -28.60 -9.57 -7.43
N GLN B 37 -27.64 -8.88 -8.01
CA GLN B 37 -27.92 -7.77 -8.94
C GLN B 37 -27.08 -7.99 -10.15
N ASP B 38 -27.76 -8.09 -11.28
CA ASP B 38 -27.08 -8.34 -12.54
C ASP B 38 -27.32 -7.25 -13.56
N PRO B 39 -26.25 -6.87 -14.33
CA PRO B 39 -26.41 -5.82 -15.33
C PRO B 39 -27.67 -6.07 -16.15
N GLY B 40 -28.61 -5.15 -16.06
CA GLY B 40 -29.82 -5.23 -16.84
C GLY B 40 -30.94 -5.99 -16.20
N MET B 41 -30.80 -6.39 -14.94
CA MET B 41 -31.82 -7.19 -14.28
C MET B 41 -32.36 -6.61 -12.99
N GLY B 42 -31.58 -5.73 -12.37
CA GLY B 42 -31.95 -5.19 -11.05
C GLY B 42 -31.78 -6.27 -9.96
N LEU B 43 -32.44 -6.03 -8.83
CA LEU B 43 -32.22 -6.84 -7.63
C LEU B 43 -33.14 -8.05 -7.71
N ARG B 44 -32.57 -9.23 -7.55
CA ARG B 44 -33.36 -10.46 -7.46
C ARG B 44 -33.16 -11.18 -6.13
N LEU B 45 -34.26 -11.45 -5.38
CA LEU B 45 -34.23 -12.13 -4.07
C LEU B 45 -33.75 -13.57 -4.12
N ILE B 46 -32.87 -13.95 -3.19
CA ILE B 46 -32.24 -15.29 -3.28
C ILE B 46 -32.79 -16.18 -2.17
N HIS B 47 -32.60 -15.75 -0.94
CA HIS B 47 -33.25 -16.32 0.22
C HIS B 47 -33.52 -15.22 1.15
N TYR B 48 -34.38 -15.49 2.12
CA TYR B 48 -34.70 -14.54 3.20
C TYR B 48 -35.04 -15.24 4.49
N SER B 49 -35.06 -14.49 5.58
CA SER B 49 -35.35 -15.02 6.92
C SER B 49 -36.11 -13.99 7.68
N VAL B 50 -37.27 -14.43 8.18
CA VAL B 50 -38.12 -13.66 9.08
C VAL B 50 -37.61 -13.57 10.52
N GLY B 51 -36.73 -14.51 10.93
CA GLY B 51 -36.11 -14.49 12.28
C GLY B 51 -35.17 -15.67 12.47
N ALA B 52 -34.55 -15.78 13.66
CA ALA B 52 -33.66 -16.93 13.95
C ALA B 52 -34.36 -18.29 13.69
N GLY B 53 -33.61 -19.27 13.21
CA GLY B 53 -34.17 -20.59 12.94
C GLY B 53 -35.05 -20.72 11.72
N ILE B 54 -35.39 -19.59 11.08
CA ILE B 54 -36.31 -19.60 9.95
C ILE B 54 -35.69 -19.02 8.69
N THR B 55 -35.72 -19.76 7.59
CA THR B 55 -35.32 -19.20 6.31
C THR B 55 -36.27 -19.71 5.22
N ASP B 56 -36.56 -18.88 4.23
CA ASP B 56 -37.48 -19.24 3.13
C ASP B 56 -36.80 -18.88 1.81
N GLN B 57 -37.15 -19.58 0.73
CA GLN B 57 -36.59 -19.26 -0.57
C GLN B 57 -37.18 -18.02 -1.20
N GLY B 58 -36.47 -17.45 -2.19
CA GLY B 58 -36.93 -16.31 -3.01
C GLY B 58 -37.01 -16.66 -4.49
N GLU B 59 -36.83 -15.67 -5.37
CA GLU B 59 -36.96 -15.90 -6.81
C GLU B 59 -35.86 -16.80 -7.39
N VAL B 60 -34.62 -16.63 -6.96
CA VAL B 60 -33.53 -17.40 -7.59
C VAL B 60 -32.68 -18.23 -6.61
N PRO B 61 -33.31 -19.15 -5.89
CA PRO B 61 -32.66 -19.78 -4.74
C PRO B 61 -31.62 -20.82 -5.11
N ASN B 62 -31.53 -21.18 -6.38
CA ASN B 62 -30.74 -22.34 -6.81
C ASN B 62 -29.23 -22.13 -6.86
N GLY B 63 -28.52 -23.01 -6.17
CA GLY B 63 -27.07 -22.94 -6.06
C GLY B 63 -26.59 -22.34 -4.73
N TYR B 64 -27.51 -21.77 -3.96
CA TYR B 64 -27.17 -21.09 -2.70
C TYR B 64 -27.87 -21.66 -1.47
N ASN B 65 -27.15 -21.80 -0.35
CA ASN B 65 -27.81 -21.99 0.96
C ASN B 65 -27.59 -20.86 1.94
N VAL B 66 -28.44 -20.78 2.95
CA VAL B 66 -28.36 -19.77 3.97
C VAL B 66 -28.52 -20.41 5.33
N SER B 67 -28.25 -19.63 6.36
CA SER B 67 -28.43 -20.08 7.70
C SER B 67 -28.70 -18.86 8.56
N ARG B 68 -29.74 -18.91 9.37
CA ARG B 68 -30.00 -17.90 10.36
C ARG B 68 -30.05 -18.60 11.72
N SER B 69 -28.93 -18.57 12.44
CA SER B 69 -28.89 -19.16 13.77
C SER B 69 -29.19 -18.08 14.76
N THR B 70 -28.62 -16.92 14.52
CA THR B 70 -28.77 -15.82 15.44
C THR B 70 -29.54 -14.72 14.75
N THR B 71 -29.88 -13.69 15.52
CA THR B 71 -30.54 -12.51 14.99
C THR B 71 -29.56 -11.58 14.22
N GLU B 72 -28.28 -11.66 14.55
CA GLU B 72 -27.25 -10.79 13.99
C GLU B 72 -26.72 -11.18 12.59
N ASP B 73 -26.63 -12.47 12.29
CA ASP B 73 -25.91 -12.91 11.13
C ASP B 73 -26.80 -13.64 10.17
N PHE B 74 -26.49 -13.50 8.89
CA PHE B 74 -27.23 -14.22 7.85
C PHE B 74 -26.26 -14.59 6.74
N PRO B 75 -25.39 -15.58 6.99
CA PRO B 75 -24.43 -15.93 5.96
C PRO B 75 -25.06 -16.58 4.73
N LEU B 76 -24.45 -16.34 3.57
CA LEU B 76 -24.86 -16.95 2.30
C LEU B 76 -23.71 -17.75 1.77
N ARG B 77 -24.01 -19.00 1.43
CA ARG B 77 -23.02 -19.94 0.99
C ARG B 77 -23.27 -20.33 -0.48
N LEU B 78 -22.24 -20.16 -1.32
CA LEU B 78 -22.19 -20.64 -2.68
C LEU B 78 -21.59 -22.01 -2.71
N LEU B 79 -22.42 -22.99 -3.09
CA LEU B 79 -22.05 -24.40 -3.05
C LEU B 79 -20.92 -24.72 -4.04
N SER B 80 -21.09 -24.26 -5.28
CA SER B 80 -20.21 -24.66 -6.34
C SER B 80 -20.20 -23.59 -7.41
N ALA B 81 -19.20 -22.72 -7.38
CA ALA B 81 -19.17 -21.56 -8.28
C ALA B 81 -19.31 -21.89 -9.78
N ALA B 82 -20.28 -21.24 -10.44
CA ALA B 82 -20.37 -21.25 -11.91
C ALA B 82 -20.24 -19.83 -12.46
N PRO B 83 -19.77 -19.68 -13.71
CA PRO B 83 -19.66 -18.33 -14.28
C PRO B 83 -20.94 -17.53 -14.16
N SER B 84 -22.10 -18.22 -14.15
CA SER B 84 -23.39 -17.51 -14.19
C SER B 84 -23.64 -16.84 -12.84
N GLN B 85 -22.81 -17.17 -11.86
CA GLN B 85 -22.94 -16.57 -10.54
C GLN B 85 -22.05 -15.33 -10.31
N THR B 86 -21.23 -14.96 -11.30
CA THR B 86 -20.66 -13.62 -11.36
C THR B 86 -21.77 -12.60 -11.19
N SER B 87 -21.66 -11.75 -10.15
CA SER B 87 -22.69 -10.81 -9.87
C SER B 87 -22.33 -9.93 -8.65
N VAL B 88 -23.22 -9.07 -8.24
CA VAL B 88 -22.99 -8.31 -7.00
C VAL B 88 -24.09 -8.73 -6.09
N TYR B 89 -23.72 -9.26 -4.91
CA TYR B 89 -24.70 -9.70 -3.89
C TYR B 89 -24.90 -8.64 -2.81
N PHE B 90 -26.16 -8.38 -2.48
CA PHE B 90 -26.48 -7.43 -1.41
C PHE B 90 -27.27 -8.11 -0.34
N CYS B 91 -26.83 -7.92 0.90
CA CYS B 91 -27.60 -8.30 2.08
C CYS B 91 -28.45 -7.10 2.44
N ALA B 92 -29.67 -7.32 2.96
CA ALA B 92 -30.57 -6.24 3.35
C ALA B 92 -31.34 -6.66 4.62
N SER B 93 -31.66 -5.71 5.48
CA SER B 93 -32.38 -6.00 6.70
C SER B 93 -33.47 -4.96 7.00
N ARG B 94 -34.46 -5.37 7.81
CA ARG B 94 -35.52 -4.50 8.31
C ARG B 94 -36.04 -4.98 9.66
N PRO B 95 -36.54 -4.05 10.49
CA PRO B 95 -36.94 -4.37 11.87
C PRO B 95 -37.80 -5.63 11.95
N GLY B 96 -38.69 -5.79 10.99
CA GLY B 96 -39.50 -7.00 10.88
C GLY B 96 -40.89 -6.90 11.47
N LEU B 97 -40.96 -6.55 12.75
CA LEU B 97 -42.17 -6.66 13.55
C LEU B 97 -43.23 -5.66 13.12
N GLN B 101 -44.18 -1.11 7.50
CA GLN B 101 -43.34 0.07 7.26
C GLN B 101 -41.92 -0.34 6.79
N PRO B 102 -41.82 -1.02 5.63
CA PRO B 102 -40.57 -1.72 5.31
C PRO B 102 -39.52 -0.90 4.54
N GLU B 103 -38.93 0.08 5.22
CA GLU B 103 -37.63 0.59 4.76
C GLU B 103 -36.63 -0.57 4.80
N GLN B 104 -35.93 -0.82 3.68
CA GLN B 104 -34.85 -1.78 3.70
C GLN B 104 -33.51 -1.05 3.76
N TYR B 105 -32.62 -1.47 4.68
CA TYR B 105 -31.23 -1.02 4.76
C TYR B 105 -30.33 -2.05 4.09
N PHE B 106 -29.39 -1.62 3.26
CA PHE B 106 -28.63 -2.58 2.45
C PHE B 106 -27.21 -2.58 2.93
N GLY B 107 -26.53 -3.71 2.83
CA GLY B 107 -25.08 -3.74 3.12
C GLY B 107 -24.43 -3.09 1.93
N PRO B 108 -23.08 -2.94 1.92
CA PRO B 108 -22.43 -2.25 0.83
C PRO B 108 -22.24 -3.16 -0.42
N GLY B 109 -22.51 -4.45 -0.31
CA GLY B 109 -22.50 -5.33 -1.47
C GLY B 109 -21.19 -6.07 -1.57
N THR B 110 -21.25 -7.23 -2.25
CA THR B 110 -20.11 -8.14 -2.47
C THR B 110 -20.04 -8.43 -3.91
N ARG B 111 -18.94 -8.07 -4.57
CA ARG B 111 -18.86 -8.31 -5.97
C ARG B 111 -18.01 -9.57 -6.20
N LEU B 112 -18.53 -10.51 -6.98
CA LEU B 112 -17.95 -11.82 -7.10
C LEU B 112 -17.73 -12.04 -8.56
N THR B 113 -16.52 -12.53 -8.92
CA THR B 113 -16.18 -12.92 -10.27
C THR B 113 -15.74 -14.38 -10.28
N VAL B 114 -16.36 -15.17 -11.16
CA VAL B 114 -16.09 -16.60 -11.24
C VAL B 114 -15.33 -16.84 -12.52
N THR B 115 -14.13 -17.41 -12.45
CA THR B 115 -13.33 -17.62 -13.63
C THR B 115 -12.94 -19.11 -13.81
N GLU B 116 -12.74 -19.49 -15.07
CA GLU B 116 -12.34 -20.83 -15.47
C GLU B 116 -10.95 -21.17 -14.91
N ASP B 117 -10.06 -20.18 -14.90
CA ASP B 117 -8.67 -20.38 -14.56
C ASP B 117 -8.01 -19.15 -13.88
N LEU B 118 -7.37 -19.39 -12.73
CA LEU B 118 -6.83 -18.32 -11.87
C LEU B 118 -5.60 -17.69 -12.52
N LYS B 119 -5.14 -18.28 -13.61
CA LYS B 119 -4.05 -17.71 -14.39
C LYS B 119 -4.50 -16.43 -15.08
N ASN B 120 -5.80 -16.23 -15.14
CA ASN B 120 -6.38 -15.02 -15.71
C ASN B 120 -6.30 -13.79 -14.82
N VAL B 121 -5.92 -14.02 -13.56
CA VAL B 121 -5.88 -12.95 -12.55
C VAL B 121 -4.62 -12.14 -12.73
N PHE B 122 -4.79 -10.81 -12.83
CA PHE B 122 -3.65 -9.92 -12.93
C PHE B 122 -3.93 -8.66 -12.09
N PRO B 123 -2.90 -8.17 -11.38
CA PRO B 123 -2.95 -6.90 -10.60
C PRO B 123 -2.89 -5.72 -11.56
N PRO B 124 -3.34 -4.52 -11.12
CA PRO B 124 -3.19 -3.41 -12.06
C PRO B 124 -1.75 -2.89 -12.06
N GLU B 125 -1.29 -2.35 -13.19
CA GLU B 125 -0.12 -1.42 -13.10
C GLU B 125 -0.76 -0.01 -13.02
N VAL B 126 -0.13 0.92 -12.31
CA VAL B 126 -0.78 2.20 -11.98
C VAL B 126 0.29 3.23 -12.29
N ALA B 127 -0.11 4.32 -12.99
CA ALA B 127 0.80 5.43 -13.26
C ALA B 127 -0.02 6.72 -13.15
N VAL B 128 0.63 7.77 -12.67
CA VAL B 128 0.09 9.15 -12.60
C VAL B 128 0.79 9.99 -13.71
N PHE B 129 0.00 10.70 -14.51
CA PHE B 129 0.45 11.57 -15.54
C PHE B 129 0.31 12.99 -15.09
N GLU B 130 1.41 13.74 -15.17
CA GLU B 130 1.52 15.06 -14.60
C GLU B 130 0.85 16.04 -15.54
N PRO B 131 0.40 17.19 -15.02
CA PRO B 131 -0.42 18.16 -15.79
C PRO B 131 0.33 18.82 -16.90
N SER B 132 -0.40 19.13 -17.96
CA SER B 132 0.14 19.82 -19.17
C SER B 132 0.48 21.26 -18.80
N GLU B 133 1.68 21.73 -19.22
CA GLU B 133 1.95 23.13 -19.08
C GLU B 133 0.97 24.02 -19.86
N ALA B 134 0.48 23.55 -21.00
CA ALA B 134 -0.46 24.28 -21.81
C ALA B 134 -1.74 24.49 -21.02
N GLU B 135 -2.17 23.42 -20.31
CA GLU B 135 -3.41 23.55 -19.50
C GLU B 135 -3.21 24.63 -18.46
N ILE B 136 -2.07 24.53 -17.79
CA ILE B 136 -1.74 25.48 -16.74
C ILE B 136 -1.86 26.92 -17.30
N SER B 137 -1.25 27.18 -18.47
CA SER B 137 -1.19 28.55 -18.91
C SER B 137 -2.53 28.98 -19.49
N HIS B 138 -3.29 28.06 -20.13
CA HIS B 138 -4.66 28.43 -20.55
C HIS B 138 -5.71 28.62 -19.48
N THR B 139 -5.69 27.78 -18.45
CA THR B 139 -6.84 27.65 -17.56
C THR B 139 -6.54 28.02 -16.10
N GLN B 140 -5.26 28.17 -15.78
CA GLN B 140 -4.72 28.31 -14.41
C GLN B 140 -5.11 27.12 -13.47
N LYS B 141 -5.34 25.94 -14.04
CA LYS B 141 -5.79 24.76 -13.28
C LYS B 141 -4.92 23.65 -13.80
N ALA B 142 -4.86 22.57 -13.07
CA ALA B 142 -3.87 21.53 -13.38
C ALA B 142 -4.53 20.19 -13.15
N THR B 143 -4.65 19.41 -14.21
CA THR B 143 -5.30 18.10 -14.12
C THR B 143 -4.23 17.01 -14.10
N LEU B 144 -4.20 16.16 -13.07
CA LEU B 144 -3.39 14.93 -13.06
C LEU B 144 -4.29 13.78 -13.49
N VAL B 145 -3.73 12.80 -14.18
CA VAL B 145 -4.49 11.60 -14.56
C VAL B 145 -3.83 10.37 -13.94
N CYS B 146 -4.64 9.51 -13.34
CA CYS B 146 -4.18 8.20 -12.83
C CYS B 146 -4.69 7.12 -13.84
N LEU B 147 -3.83 6.20 -14.34
CA LEU B 147 -4.34 5.09 -15.18
C LEU B 147 -4.00 3.80 -14.55
N ALA B 148 -5.01 2.93 -14.31
CA ALA B 148 -4.78 1.59 -13.81
C ALA B 148 -5.05 0.68 -15.00
N THR B 149 -4.10 -0.19 -15.35
CA THR B 149 -4.14 -0.96 -16.62
C THR B 149 -3.79 -2.39 -16.34
N GLY B 150 -4.29 -3.28 -17.20
CA GLY B 150 -3.93 -4.70 -17.20
C GLY B 150 -4.52 -5.61 -16.12
N PHE B 151 -5.63 -5.24 -15.46
CA PHE B 151 -6.04 -5.97 -14.24
C PHE B 151 -7.27 -6.83 -14.54
N TYR B 152 -7.39 -7.92 -13.78
CA TYR B 152 -8.49 -8.85 -13.89
C TYR B 152 -8.48 -9.59 -12.58
N PRO B 153 -9.66 -9.82 -12.01
CA PRO B 153 -10.98 -9.34 -12.48
C PRO B 153 -11.17 -7.80 -12.25
N ASP B 154 -12.37 -7.34 -12.43
CA ASP B 154 -12.67 -5.91 -12.36
C ASP B 154 -12.93 -5.51 -10.89
N HIS B 155 -11.98 -5.80 -10.03
CA HIS B 155 -12.21 -5.66 -8.56
C HIS B 155 -11.19 -4.71 -8.03
N VAL B 156 -11.44 -3.39 -8.22
CA VAL B 156 -10.51 -2.36 -7.77
C VAL B 156 -11.26 -1.22 -7.07
N GLU B 157 -10.58 -0.49 -6.20
CA GLU B 157 -11.11 0.78 -5.66
C GLU B 157 -10.00 1.80 -5.83
N LEU B 158 -10.25 2.90 -6.54
CA LEU B 158 -9.19 3.85 -6.84
C LEU B 158 -9.49 5.04 -5.96
N SER B 159 -8.49 5.55 -5.27
CA SER B 159 -8.64 6.76 -4.42
C SER B 159 -7.44 7.72 -4.66
N TRP B 160 -7.67 9.00 -4.38
CA TRP B 160 -6.66 10.04 -4.48
C TRP B 160 -6.38 10.56 -3.13
N TRP B 161 -5.10 10.79 -2.84
CA TRP B 161 -4.59 11.22 -1.58
C TRP B 161 -3.68 12.39 -1.84
N VAL B 162 -3.99 13.52 -1.20
CA VAL B 162 -3.19 14.75 -1.35
C VAL B 162 -2.61 15.06 0.05
N ASN B 163 -1.28 15.16 0.17
CA ASN B 163 -0.62 15.31 1.46
C ASN B 163 -1.10 14.33 2.50
N GLY B 164 -1.26 13.09 2.07
CA GLY B 164 -1.64 12.06 3.04
C GLY B 164 -3.10 11.86 3.36
N LYS B 165 -3.96 12.77 2.91
CA LYS B 165 -5.41 12.66 3.21
C LYS B 165 -6.18 12.35 1.94
N GLU B 166 -7.19 11.48 2.08
CA GLU B 166 -8.05 11.18 0.89
C GLU B 166 -8.85 12.41 0.45
N VAL B 167 -8.87 12.69 -0.85
CA VAL B 167 -9.66 13.82 -1.32
C VAL B 167 -10.89 13.33 -2.15
N HIS B 168 -12.01 14.04 -2.16
CA HIS B 168 -13.09 13.71 -3.08
C HIS B 168 -13.40 14.86 -4.03
N SER B 169 -13.22 16.09 -3.61
CA SER B 169 -13.47 17.22 -4.50
C SER B 169 -12.44 17.29 -5.63
N GLY B 170 -12.89 17.68 -6.83
CA GLY B 170 -12.00 17.85 -7.98
C GLY B 170 -11.56 16.55 -8.59
N VAL B 171 -12.25 15.46 -8.26
CA VAL B 171 -11.88 14.15 -8.73
C VAL B 171 -12.97 13.64 -9.59
N CYS B 172 -12.64 12.85 -10.63
CA CYS B 172 -13.70 11.97 -11.20
C CYS B 172 -13.09 10.72 -11.83
N THR B 173 -13.63 9.57 -11.51
CA THR B 173 -13.02 8.28 -11.88
C THR B 173 -14.00 7.65 -12.84
N ASP B 174 -13.55 6.85 -13.79
CA ASP B 174 -14.52 6.31 -14.77
C ASP B 174 -15.47 5.43 -14.00
N PRO B 175 -16.76 5.53 -14.30
CA PRO B 175 -17.65 4.65 -13.53
C PRO B 175 -17.46 3.16 -13.91
N GLN B 176 -17.04 2.85 -15.13
CA GLN B 176 -16.63 1.45 -15.44
C GLN B 176 -15.33 1.39 -16.18
N PRO B 177 -14.56 0.32 -15.96
CA PRO B 177 -13.43 -0.10 -16.77
C PRO B 177 -13.70 -0.28 -18.25
N LEU B 178 -12.72 0.07 -19.06
CA LEU B 178 -12.67 -0.37 -20.45
C LEU B 178 -12.13 -1.81 -20.42
N LYS B 179 -12.67 -2.70 -21.25
CA LYS B 179 -12.03 -4.02 -21.54
C LYS B 179 -10.85 -3.72 -22.41
N GLU B 180 -9.70 -4.26 -22.10
CA GLU B 180 -8.59 -4.12 -22.98
C GLU B 180 -8.80 -4.90 -24.32
N GLN B 181 -9.51 -6.03 -24.26
CA GLN B 181 -9.81 -6.88 -25.48
C GLN B 181 -11.30 -7.08 -25.44
N PRO B 182 -12.07 -6.13 -25.99
CA PRO B 182 -13.52 -6.27 -25.69
C PRO B 182 -14.15 -7.59 -26.18
N ALA B 183 -13.52 -8.21 -27.19
CA ALA B 183 -13.98 -9.48 -27.71
C ALA B 183 -13.70 -10.68 -26.77
N LEU B 184 -12.64 -10.63 -25.95
CA LEU B 184 -12.20 -11.81 -25.15
C LEU B 184 -12.96 -11.89 -23.84
N ASN B 185 -13.31 -13.12 -23.47
CA ASN B 185 -14.23 -13.32 -22.36
C ASN B 185 -13.67 -12.94 -20.98
N ASP B 186 -12.41 -13.26 -20.74
CA ASP B 186 -11.77 -12.89 -19.49
C ASP B 186 -10.80 -11.71 -19.77
N SER B 187 -11.24 -10.74 -20.59
CA SER B 187 -10.42 -9.58 -20.97
C SER B 187 -9.86 -8.90 -19.74
N ARG B 188 -8.62 -8.44 -19.79
CA ARG B 188 -8.12 -7.59 -18.69
C ARG B 188 -8.76 -6.17 -18.85
N TYR B 189 -8.60 -5.28 -17.84
CA TYR B 189 -9.35 -4.01 -17.75
C TYR B 189 -8.44 -2.81 -17.53
N ALA B 190 -8.93 -1.60 -17.84
CA ALA B 190 -8.18 -0.37 -17.55
C ALA B 190 -9.19 0.60 -16.94
N LEU B 191 -8.74 1.55 -16.10
CA LEU B 191 -9.59 2.48 -15.39
C LEU B 191 -8.82 3.78 -15.25
N SER B 192 -9.42 4.92 -15.60
CA SER B 192 -8.72 6.21 -15.43
C SER B 192 -9.44 7.09 -14.40
N SER B 193 -8.71 8.03 -13.84
CA SER B 193 -9.26 9.02 -12.90
C SER B 193 -8.56 10.30 -13.09
N ARG B 194 -9.27 11.40 -12.82
CA ARG B 194 -8.61 12.68 -13.00
C ARG B 194 -8.72 13.36 -11.65
N LEU B 195 -7.71 14.12 -11.29
CA LEU B 195 -7.76 15.04 -10.12
C LEU B 195 -7.30 16.37 -10.60
N ARG B 196 -8.14 17.39 -10.41
CA ARG B 196 -7.84 18.71 -10.93
C ARG B 196 -7.71 19.70 -9.72
N VAL B 197 -6.56 20.37 -9.67
CA VAL B 197 -6.17 21.35 -8.60
C VAL B 197 -5.74 22.67 -9.25
N SER B 198 -5.62 23.75 -8.47
CA SER B 198 -5.15 24.95 -9.09
C SER B 198 -3.71 24.82 -9.54
N ALA B 199 -3.33 25.63 -10.52
CA ALA B 199 -1.98 25.67 -11.02
C ALA B 199 -1.03 25.95 -9.85
N THR B 200 -1.39 26.92 -9.02
CA THR B 200 -0.55 27.33 -7.87
C THR B 200 -0.33 26.14 -6.93
N PHE B 201 -1.38 25.36 -6.68
CA PHE B 201 -1.21 24.20 -5.76
C PHE B 201 -0.32 23.15 -6.42
N TRP B 202 -0.50 22.92 -7.70
CA TRP B 202 0.32 21.92 -8.38
C TRP B 202 1.78 22.41 -8.41
N GLN B 203 1.96 23.74 -8.42
CA GLN B 203 3.32 24.35 -8.52
C GLN B 203 4.17 24.32 -7.24
N ASP B 204 3.56 23.99 -6.11
CA ASP B 204 4.26 23.90 -4.83
C ASP B 204 4.95 22.53 -4.71
N PRO B 205 6.30 22.48 -4.72
CA PRO B 205 7.05 21.24 -4.65
C PRO B 205 6.89 20.45 -3.33
N ARG B 206 6.29 21.06 -2.33
CA ARG B 206 6.01 20.32 -1.11
C ARG B 206 4.65 19.55 -1.10
N ASN B 207 3.89 19.71 -2.16
CA ASN B 207 2.57 19.05 -2.26
C ASN B 207 2.72 17.69 -2.93
N HIS B 208 2.01 16.70 -2.39
CA HIS B 208 2.16 15.31 -2.77
C HIS B 208 0.86 14.74 -3.25
N PHE B 209 0.93 14.03 -4.37
CA PHE B 209 -0.26 13.54 -5.08
C PHE B 209 -0.10 12.05 -5.30
N ARG B 210 -1.00 11.21 -4.72
CA ARG B 210 -0.86 9.79 -4.85
C ARG B 210 -2.22 9.20 -5.30
N CYS B 211 -2.16 8.29 -6.26
CA CYS B 211 -3.29 7.60 -6.78
C CYS B 211 -3.16 6.23 -6.16
N GLN B 212 -4.13 5.76 -5.40
CA GLN B 212 -4.00 4.41 -4.78
C GLN B 212 -5.02 3.47 -5.45
N VAL B 213 -4.60 2.33 -5.94
CA VAL B 213 -5.59 1.33 -6.40
C VAL B 213 -5.52 0.11 -5.53
N GLN B 214 -6.61 -0.18 -4.83
CA GLN B 214 -6.68 -1.42 -4.02
C GLN B 214 -7.23 -2.47 -5.00
N PHE B 215 -6.47 -3.55 -5.21
CA PHE B 215 -6.88 -4.66 -6.10
C PHE B 215 -7.21 -5.86 -5.18
N TYR B 216 -8.34 -6.53 -5.46
CA TYR B 216 -8.71 -7.75 -4.76
C TYR B 216 -8.40 -8.93 -5.71
N GLY B 217 -7.60 -9.88 -5.25
CA GLY B 217 -7.11 -10.96 -6.14
C GLY B 217 -6.99 -12.28 -5.38
N LEU B 218 -5.90 -13.02 -5.56
CA LEU B 218 -5.73 -14.32 -4.93
C LEU B 218 -5.30 -14.16 -3.47
N SER B 219 -5.42 -15.20 -2.64
CA SER B 219 -4.89 -15.07 -1.27
C SER B 219 -3.61 -15.89 -1.11
N GLU B 220 -2.96 -15.75 0.04
CA GLU B 220 -1.94 -16.68 0.47
C GLU B 220 -2.67 -18.00 0.70
N ASN B 221 -2.48 -18.93 -0.24
CA ASN B 221 -3.04 -20.30 -0.17
C ASN B 221 -3.52 -20.80 -1.53
N ASP B 222 -3.61 -19.89 -2.50
CA ASP B 222 -3.85 -20.29 -3.86
C ASP B 222 -2.50 -20.67 -4.45
N GLU B 223 -2.52 -21.66 -5.34
CA GLU B 223 -1.30 -22.13 -5.99
C GLU B 223 -0.83 -21.16 -7.01
N TRP B 224 0.48 -21.03 -7.14
CA TRP B 224 0.98 -20.14 -8.20
C TRP B 224 2.26 -20.62 -8.81
N THR B 225 2.26 -21.02 -10.08
CA THR B 225 3.48 -21.55 -10.69
C THR B 225 4.02 -20.67 -11.83
N GLN B 226 3.23 -19.69 -12.26
CA GLN B 226 3.59 -18.79 -13.36
C GLN B 226 4.87 -17.98 -13.15
N ASP B 227 5.41 -17.48 -14.26
CA ASP B 227 6.64 -16.72 -14.25
C ASP B 227 6.53 -15.40 -13.41
N ARG B 228 5.36 -14.76 -13.46
CA ARG B 228 5.08 -13.50 -12.73
C ARG B 228 4.75 -13.68 -11.24
N ALA B 229 4.84 -12.58 -10.48
CA ALA B 229 4.47 -12.59 -9.08
C ALA B 229 3.03 -13.04 -8.99
N LYS B 230 2.72 -13.75 -7.91
CA LYS B 230 1.34 -14.18 -7.65
C LYS B 230 0.45 -12.94 -7.44
N PRO B 231 -0.70 -12.87 -8.17
CA PRO B 231 -1.61 -11.71 -8.14
C PRO B 231 -2.49 -11.65 -6.88
N VAL B 232 -1.87 -11.38 -5.73
CA VAL B 232 -2.60 -11.37 -4.44
C VAL B 232 -3.31 -10.02 -4.34
N THR B 233 -4.29 -9.97 -3.45
CA THR B 233 -4.93 -8.69 -2.98
C THR B 233 -3.79 -7.81 -2.52
N GLN B 234 -3.69 -6.60 -3.08
CA GLN B 234 -2.59 -5.68 -2.72
C GLN B 234 -2.98 -4.24 -3.11
N ILE B 235 -2.25 -3.28 -2.57
CA ILE B 235 -2.41 -1.92 -3.03
C ILE B 235 -1.35 -1.55 -4.00
N VAL B 236 -1.76 -1.08 -5.19
CA VAL B 236 -0.75 -0.59 -6.17
C VAL B 236 -0.93 0.91 -6.35
N SER B 237 0.12 1.69 -6.25
CA SER B 237 -0.08 3.12 -6.18
C SER B 237 0.99 3.86 -7.00
N ALA B 238 0.74 5.12 -7.37
CA ALA B 238 1.75 5.91 -8.03
C ALA B 238 1.57 7.32 -7.56
N GLU B 239 2.64 8.12 -7.65
CA GLU B 239 2.58 9.44 -7.04
C GLU B 239 3.24 10.45 -7.93
N ALA B 240 3.04 11.71 -7.62
CA ALA B 240 3.85 12.76 -8.14
C ALA B 240 3.95 13.85 -7.05
N TRP B 241 5.07 14.57 -7.05
CA TRP B 241 5.29 15.78 -6.23
C TRP B 241 5.01 16.98 -7.06
N GLY B 242 4.53 18.06 -6.44
CA GLY B 242 4.36 19.27 -7.20
C GLY B 242 5.70 19.76 -7.74
N ARG B 243 5.69 20.59 -8.79
CA ARG B 243 6.97 21.07 -9.39
C ARG B 243 6.68 22.44 -9.97
N ALA B 244 7.54 23.43 -9.70
CA ALA B 244 7.36 24.77 -10.29
C ALA B 244 7.49 24.65 -11.83
N ASP B 245 8.21 23.62 -12.27
CA ASP B 245 8.01 23.03 -13.60
C ASP B 245 9.18 23.11 -14.54
N LYS C 1 -7.46 -13.02 8.06
CA LYS C 1 -7.67 -11.53 7.99
C LYS C 1 -6.78 -11.00 6.89
N GLU C 2 -6.39 -9.73 7.01
CA GLU C 2 -5.44 -9.12 6.11
C GLU C 2 -5.13 -7.67 6.48
N VAL C 3 -3.85 -7.34 6.44
CA VAL C 3 -3.40 -5.97 6.66
C VAL C 3 -2.55 -5.65 5.47
N GLU C 4 -2.90 -4.55 4.80
CA GLU C 4 -2.24 -4.20 3.59
C GLU C 4 -1.71 -2.77 3.72
N GLN C 5 -0.40 -2.55 3.48
CA GLN C 5 0.20 -1.19 3.49
C GLN C 5 0.57 -0.76 2.07
N ASN C 6 0.62 0.55 1.80
CA ASN C 6 1.07 1.02 0.49
C ASN C 6 2.54 0.60 0.26
N SER C 7 2.91 0.37 -0.99
CA SER C 7 4.23 -0.17 -1.34
C SER C 7 5.29 0.95 -1.36
N GLY C 8 6.51 0.61 -0.88
CA GLY C 8 7.63 1.56 -0.80
C GLY C 8 8.77 1.13 -1.70
N PRO C 9 9.96 1.72 -1.56
CA PRO C 9 10.25 2.80 -0.63
C PRO C 9 9.64 4.09 -1.15
N LEU C 10 9.25 5.00 -0.25
CA LEU C 10 8.72 6.29 -0.65
C LEU C 10 9.77 7.34 -0.35
N SER C 11 10.06 8.20 -1.32
CA SER C 11 10.91 9.35 -1.06
C SER C 11 10.10 10.57 -0.75
N VAL C 12 10.54 11.35 0.25
CA VAL C 12 9.76 12.48 0.68
C VAL C 12 10.82 13.61 0.91
N PRO C 13 10.67 14.77 0.26
CA PRO C 13 11.60 15.88 0.54
C PRO C 13 11.47 16.34 2.01
N GLU C 14 12.60 16.74 2.58
CA GLU C 14 12.67 17.22 3.94
C GLU C 14 11.67 18.33 4.07
N GLY C 15 10.83 18.29 5.13
CA GLY C 15 9.88 19.38 5.39
C GLY C 15 8.48 19.10 4.83
N ALA C 16 8.33 18.04 4.01
CA ALA C 16 7.03 17.73 3.38
C ALA C 16 6.39 16.72 4.30
N ILE C 17 5.16 16.32 3.98
CA ILE C 17 4.47 15.30 4.78
C ILE C 17 4.80 13.90 4.22
N ALA C 18 5.33 13.03 5.06
CA ALA C 18 5.47 11.60 4.64
C ALA C 18 4.14 10.90 5.00
N SER C 19 3.54 10.14 4.10
CA SER C 19 2.22 9.59 4.49
C SER C 19 2.16 8.14 4.12
N LEU C 20 1.50 7.37 4.98
CA LEU C 20 1.49 5.93 4.87
C LEU C 20 0.07 5.59 5.19
N ASN C 21 -0.42 4.58 4.50
CA ASN C 21 -1.70 4.07 4.87
C ASN C 21 -1.72 2.55 4.96
N CYS C 22 -2.80 2.08 5.57
CA CYS C 22 -2.93 0.73 5.94
C CYS C 22 -4.42 0.30 5.89
N THR C 23 -4.74 -0.65 5.03
CA THR C 23 -6.09 -1.18 4.99
C THR C 23 -6.15 -2.52 5.73
N TYR C 24 -7.29 -2.76 6.38
CA TYR C 24 -7.46 -4.01 7.12
C TYR C 24 -8.76 -4.65 6.68
N SER C 25 -8.77 -5.98 6.61
CA SER C 25 -9.93 -6.71 6.11
C SER C 25 -11.00 -6.84 7.22
N ASP C 26 -10.64 -7.41 8.36
CA ASP C 26 -11.60 -7.62 9.45
C ASP C 26 -12.17 -6.30 9.98
N ARG C 27 -13.44 -6.03 9.70
CA ARG C 27 -14.16 -4.82 10.18
C ARG C 27 -14.39 -4.73 11.67
N GLY C 28 -14.30 -5.87 12.38
CA GLY C 28 -14.39 -5.89 13.85
C GLY C 28 -13.07 -5.70 14.61
N SER C 29 -12.17 -4.91 14.04
CA SER C 29 -10.81 -4.75 14.57
C SER C 29 -10.86 -3.65 15.58
N GLN C 30 -10.19 -3.81 16.70
CA GLN C 30 -10.45 -2.90 17.79
C GLN C 30 -9.38 -1.84 17.96
N SER C 31 -8.15 -2.22 17.67
CA SER C 31 -6.98 -1.41 18.07
C SER C 31 -5.97 -1.31 16.96
N PHE C 32 -5.36 -0.14 16.83
CA PHE C 32 -4.50 0.15 15.67
C PHE C 32 -3.23 0.84 16.07
N PHE C 33 -2.13 0.43 15.46
CA PHE C 33 -0.81 0.78 15.89
C PHE C 33 0.13 1.02 14.71
N TRP C 34 1.04 1.99 14.89
CA TRP C 34 2.12 2.24 13.96
C TRP C 34 3.42 2.04 14.70
N TYR C 35 4.31 1.26 14.08
CA TYR C 35 5.64 1.02 14.56
C TYR C 35 6.66 1.57 13.59
N ARG C 36 7.70 2.17 14.17
CA ARG C 36 8.87 2.61 13.43
C ARG C 36 10.01 1.63 13.65
N GLN C 37 10.67 1.22 12.57
CA GLN C 37 11.83 0.31 12.65
C GLN C 37 13.03 0.92 11.86
N TYR C 38 14.04 1.41 12.56
CA TYR C 38 15.28 1.85 11.89
C TYR C 38 15.99 0.63 11.33
N SER C 39 16.82 0.81 10.33
CA SER C 39 17.43 -0.30 9.62
C SER C 39 18.33 -1.10 10.62
N GLY C 40 18.34 -2.42 10.56
CA GLY C 40 19.03 -3.20 11.61
C GLY C 40 18.52 -3.13 13.04
N LYS C 41 17.37 -2.53 13.28
CA LYS C 41 16.91 -2.29 14.63
C LYS C 41 15.56 -2.98 14.93
N SER C 42 15.05 -2.84 16.15
CA SER C 42 13.76 -3.44 16.44
C SER C 42 12.62 -2.43 16.19
N PRO C 43 11.42 -2.92 15.89
CA PRO C 43 10.20 -2.10 15.79
C PRO C 43 9.91 -1.38 17.10
N GLU C 44 9.57 -0.10 17.02
CA GLU C 44 9.24 0.63 18.21
C GLU C 44 7.83 1.23 18.05
N LEU C 45 6.98 1.04 19.06
CA LEU C 45 5.62 1.50 18.91
C LEU C 45 5.64 3.04 18.90
N ILE C 46 5.04 3.69 17.91
CA ILE C 46 4.98 5.15 17.95
C ILE C 46 3.59 5.74 18.00
N MET C 47 2.55 5.04 17.52
CA MET C 47 1.17 5.57 17.67
C MET C 47 0.21 4.41 17.93
N SER C 48 -0.75 4.67 18.79
CA SER C 48 -1.83 3.78 19.16
C SER C 48 -3.11 4.53 18.91
N ILE C 49 -4.01 3.94 18.13
CA ILE C 49 -5.31 4.56 17.90
C ILE C 49 -6.42 3.52 18.07
N TYR C 50 -7.52 3.99 18.70
CA TYR C 50 -8.65 3.17 19.07
C TYR C 50 -10.00 3.67 18.51
N SER C 51 -10.21 4.98 18.52
CA SER C 51 -11.45 5.45 17.97
C SER C 51 -11.29 6.26 16.65
N ASN C 52 -12.37 6.24 15.87
CA ASN C 52 -12.42 6.93 14.62
C ASN C 52 -11.96 8.38 14.78
N GLY C 53 -11.20 8.87 13.81
CA GLY C 53 -10.77 10.26 13.78
C GLY C 53 -9.25 10.43 13.86
N ASP C 54 -8.81 11.58 14.37
CA ASP C 54 -7.42 12.02 14.37
C ASP C 54 -6.76 11.90 15.72
N LYS C 55 -5.48 11.52 15.74
CA LYS C 55 -4.68 11.51 16.97
C LYS C 55 -3.28 12.03 16.67
N GLU C 56 -2.83 13.01 17.46
CA GLU C 56 -1.56 13.65 17.22
C GLU C 56 -0.57 13.38 18.32
N ASP C 57 0.69 13.22 17.93
CA ASP C 57 1.80 13.16 18.86
C ASP C 57 3.05 13.68 18.21
N GLY C 58 3.36 14.91 18.55
CA GLY C 58 4.54 15.54 18.05
C GLY C 58 4.19 15.79 16.62
N ARG C 59 5.10 15.38 15.73
CA ARG C 59 4.92 15.58 14.32
C ARG C 59 4.07 14.47 13.69
N PHE C 60 3.64 13.50 14.47
CA PHE C 60 2.99 12.31 13.91
C PHE C 60 1.52 12.59 14.06
N THR C 61 0.71 12.27 13.05
CA THR C 61 -0.76 12.28 13.17
C THR C 61 -1.21 10.95 12.67
N ALA C 62 -2.01 10.24 13.46
CA ALA C 62 -2.61 8.99 13.01
C ALA C 62 -4.08 9.27 12.69
N GLN C 63 -4.62 8.57 11.70
CA GLN C 63 -6.05 8.73 11.43
C GLN C 63 -6.69 7.40 11.21
N LEU C 64 -7.79 7.15 11.92
CA LEU C 64 -8.53 5.92 11.71
C LEU C 64 -9.90 6.22 11.09
N ASN C 65 -10.21 5.49 10.05
CA ASN C 65 -11.51 5.58 9.42
C ASN C 65 -12.06 4.18 9.38
N LYS C 66 -12.81 3.80 10.42
CA LYS C 66 -13.46 2.47 10.53
C LYS C 66 -14.43 2.26 9.37
N ALA C 67 -15.15 3.33 9.04
CA ALA C 67 -16.04 3.32 7.90
C ALA C 67 -15.35 2.81 6.62
N SER C 68 -14.26 3.47 6.21
CA SER C 68 -13.50 2.99 5.04
C SER C 68 -12.51 1.89 5.35
N GLN C 69 -12.32 1.56 6.63
CA GLN C 69 -11.42 0.45 7.01
C GLN C 69 -9.96 0.74 6.61
N TYR C 70 -9.48 1.95 6.97
CA TYR C 70 -8.04 2.22 6.88
C TYR C 70 -7.53 3.00 8.09
N VAL C 71 -6.23 2.86 8.36
CA VAL C 71 -5.60 3.75 9.30
C VAL C 71 -4.36 4.35 8.57
N SER C 72 -4.13 5.65 8.79
CA SER C 72 -3.03 6.40 8.13
C SER C 72 -2.04 6.89 9.20
N LEU C 73 -0.84 7.22 8.76
CA LEU C 73 0.12 7.88 9.57
C LEU C 73 0.71 8.97 8.68
N LEU C 74 0.71 10.21 9.20
CA LEU C 74 1.27 11.34 8.50
C LEU C 74 2.43 11.74 9.40
N ILE C 75 3.59 12.01 8.78
CA ILE C 75 4.73 12.56 9.51
C ILE C 75 4.91 13.98 8.98
N ARG C 76 4.58 14.98 9.81
CA ARG C 76 4.63 16.36 9.40
C ARG C 76 6.09 16.87 9.50
N ASP C 77 6.40 17.86 8.68
CA ASP C 77 7.73 18.50 8.66
C ASP C 77 8.83 17.42 8.69
N SER C 78 8.85 16.54 7.68
CA SER C 78 9.63 15.28 7.76
C SER C 78 11.09 15.63 7.84
N GLN C 79 11.83 14.81 8.60
CA GLN C 79 13.24 15.05 8.79
C GLN C 79 14.01 13.84 8.24
N PRO C 80 15.25 14.06 7.77
CA PRO C 80 16.07 12.94 7.33
C PRO C 80 16.13 11.80 8.36
N SER C 81 16.05 12.15 9.65
CA SER C 81 16.19 11.15 10.76
C SER C 81 14.94 10.38 11.00
N ASP C 82 13.86 10.81 10.37
CA ASP C 82 12.63 9.97 10.20
C ASP C 82 12.83 8.81 9.18
N SER C 83 13.92 8.75 8.44
CA SER C 83 14.10 7.59 7.42
C SER C 83 14.16 6.23 8.11
N ALA C 84 13.19 5.36 7.79
CA ALA C 84 12.93 4.13 8.49
C ALA C 84 11.86 3.36 7.75
N THR C 85 11.56 2.14 8.21
CA THR C 85 10.39 1.39 7.87
C THR C 85 9.30 1.55 8.94
N TYR C 86 8.08 1.81 8.46
CA TYR C 86 6.94 2.08 9.26
C TYR C 86 5.98 0.93 8.99
N LEU C 87 5.59 0.28 10.06
CA LEU C 87 4.69 -0.88 10.02
C LEU C 87 3.34 -0.61 10.73
N CYS C 88 2.26 -1.00 10.06
CA CYS C 88 0.89 -1.02 10.50
C CYS C 88 0.70 -2.32 11.28
N ALA C 89 0.00 -2.27 12.41
CA ALA C 89 -0.43 -3.54 13.07
C ALA C 89 -1.84 -3.37 13.55
N VAL C 90 -2.62 -4.45 13.41
CA VAL C 90 -4.01 -4.41 13.82
C VAL C 90 -4.33 -5.61 14.74
N THR C 91 -5.18 -5.35 15.72
CA THR C 91 -5.51 -6.37 16.66
C THR C 91 -6.87 -6.95 16.33
N THR C 92 -7.00 -8.25 16.58
CA THR C 92 -8.26 -8.96 16.49
C THR C 92 -8.86 -9.28 17.90
N ASP C 93 -8.62 -10.51 18.35
CA ASP C 93 -9.29 -11.19 19.48
C ASP C 93 -9.18 -10.51 20.86
N SER C 94 -9.91 -11.09 21.81
CA SER C 94 -9.86 -10.75 23.24
C SER C 94 -8.42 -10.47 23.76
N TRP C 95 -7.52 -11.44 23.60
CA TRP C 95 -6.12 -11.35 24.08
C TRP C 95 -5.35 -10.11 23.66
N GLY C 96 -5.46 -9.75 22.38
CA GLY C 96 -4.69 -8.64 21.77
C GLY C 96 -3.64 -9.11 20.76
N LYS C 97 -3.91 -10.21 20.08
CA LYS C 97 -3.02 -10.77 19.08
C LYS C 97 -2.87 -9.79 17.90
N LEU C 98 -1.63 -9.56 17.49
CA LEU C 98 -1.34 -8.61 16.43
C LEU C 98 -1.12 -9.21 15.08
N GLN C 99 -1.68 -8.57 14.08
CA GLN C 99 -1.29 -8.89 12.71
C GLN C 99 -0.65 -7.66 12.05
N PHE C 100 0.50 -7.85 11.40
CA PHE C 100 1.38 -6.76 10.91
C PHE C 100 1.24 -6.55 9.44
N GLY C 101 1.30 -5.30 8.98
CA GLY C 101 1.46 -5.10 7.52
C GLY C 101 2.87 -5.40 7.10
N ALA C 102 3.13 -5.29 5.81
CA ALA C 102 4.42 -5.66 5.28
C ALA C 102 5.46 -4.54 5.52
N GLY C 103 5.01 -3.35 5.89
CA GLY C 103 5.94 -2.26 6.23
C GLY C 103 6.19 -1.41 4.98
N THR C 104 6.46 -0.12 5.14
CA THR C 104 6.80 0.73 3.97
C THR C 104 8.10 1.42 4.35
N GLN C 105 9.09 1.33 3.50
CA GLN C 105 10.31 2.09 3.74
C GLN C 105 10.13 3.57 3.36
N VAL C 106 10.44 4.47 4.29
CA VAL C 106 10.36 5.91 3.97
C VAL C 106 11.79 6.49 3.91
N VAL C 107 12.14 7.15 2.81
CA VAL C 107 13.45 7.86 2.72
C VAL C 107 13.15 9.38 2.67
N VAL C 108 13.55 10.10 3.71
CA VAL C 108 13.34 11.56 3.70
C VAL C 108 14.67 12.17 3.22
N THR C 109 14.65 12.78 2.08
CA THR C 109 15.88 13.38 1.49
C THR C 109 16.14 14.78 2.04
N PRO C 110 17.43 15.06 2.35
CA PRO C 110 17.81 16.36 2.93
C PRO C 110 17.64 17.47 1.88
N ASP C 111 17.24 18.67 2.33
CA ASP C 111 17.26 19.81 1.41
C ASP C 111 18.72 20.29 1.30
N ILE C 112 19.43 20.00 0.22
CA ILE C 112 20.86 20.40 0.20
C ILE C 112 20.93 21.90 -0.10
N GLN C 113 21.30 22.72 0.91
CA GLN C 113 21.36 24.20 0.78
C GLN C 113 22.37 24.76 -0.24
N ASN C 114 23.60 24.25 -0.23
CA ASN C 114 24.68 24.78 -1.08
C ASN C 114 25.37 23.68 -1.87
N PRO C 115 24.64 22.96 -2.75
CA PRO C 115 25.31 21.83 -3.44
C PRO C 115 26.60 22.15 -4.06
N ASP C 116 27.52 21.18 -4.06
CA ASP C 116 28.83 21.42 -4.63
C ASP C 116 29.28 20.09 -5.20
N PRO C 117 28.49 19.49 -6.12
CA PRO C 117 28.73 18.10 -6.52
C PRO C 117 30.12 17.91 -7.06
N ALA C 118 30.82 16.88 -6.62
CA ALA C 118 32.25 16.65 -6.95
C ALA C 118 32.55 15.20 -6.70
N VAL C 119 33.52 14.70 -7.46
CA VAL C 119 34.09 13.37 -7.18
C VAL C 119 35.52 13.57 -6.70
N TYR C 120 35.94 12.79 -5.71
CA TYR C 120 37.26 12.87 -5.15
C TYR C 120 37.85 11.50 -5.02
N GLN C 121 39.15 11.37 -5.22
CA GLN C 121 39.81 10.06 -5.06
C GLN C 121 40.41 10.04 -3.67
N LEU C 122 40.25 8.92 -2.97
CA LEU C 122 40.83 8.76 -1.65
C LEU C 122 41.81 7.61 -1.68
N ARG C 123 42.90 7.70 -0.92
CA ARG C 123 43.87 6.59 -0.90
C ARG C 123 43.95 5.87 0.42
N ASP C 124 44.28 4.57 0.36
CA ASP C 124 44.47 3.75 1.58
C ASP C 124 45.47 4.34 2.55
N SER C 125 45.10 4.43 3.83
CA SER C 125 46.09 4.90 4.81
C SER C 125 47.26 3.91 5.03
N LYS C 126 47.07 2.66 4.62
CA LYS C 126 48.03 1.57 4.90
C LYS C 126 48.95 1.29 3.69
N SER C 127 48.37 0.80 2.59
CA SER C 127 49.16 0.36 1.43
C SER C 127 49.49 1.48 0.44
N SER C 128 48.66 2.54 0.39
CA SER C 128 48.80 3.64 -0.59
C SER C 128 48.65 3.21 -2.08
N ASP C 129 48.66 1.89 -2.32
CA ASP C 129 48.39 1.28 -3.62
C ASP C 129 46.88 1.30 -3.94
N LYS C 130 46.04 1.10 -2.93
CA LYS C 130 44.58 1.02 -3.11
C LYS C 130 43.91 2.40 -3.00
N SER C 131 42.78 2.54 -3.70
CA SER C 131 41.92 3.73 -3.53
C SER C 131 40.42 3.53 -3.83
N VAL C 132 39.63 4.54 -3.44
CA VAL C 132 38.21 4.54 -3.65
C VAL C 132 37.87 5.91 -4.22
N CYS C 133 36.71 6.04 -4.90
CA CYS C 133 36.22 7.34 -5.38
C CYS C 133 34.96 7.71 -4.58
N LEU C 134 34.88 8.98 -4.20
CA LEU C 134 33.77 9.51 -3.39
C LEU C 134 33.04 10.56 -4.20
N PHE C 135 31.79 10.27 -4.56
CA PHE C 135 30.92 11.30 -5.15
C PHE C 135 30.15 11.90 -3.97
N THR C 136 30.24 13.23 -3.79
CA THR C 136 29.71 13.89 -2.57
C THR C 136 29.15 15.28 -2.86
N ASP C 137 28.19 15.73 -2.05
CA ASP C 137 27.73 17.13 -2.00
C ASP C 137 26.75 17.48 -3.12
N PHE C 138 26.13 16.47 -3.68
CA PHE C 138 25.19 16.70 -4.73
C PHE C 138 23.78 16.82 -4.18
N ASP C 139 22.88 17.41 -4.97
CA ASP C 139 21.52 17.63 -4.46
C ASP C 139 20.69 16.34 -4.41
N SER C 140 19.57 16.39 -3.71
CA SER C 140 18.86 15.13 -3.45
C SER C 140 18.08 14.58 -4.69
N GLN C 141 17.86 15.44 -5.69
CA GLN C 141 17.30 15.06 -6.99
C GLN C 141 18.34 14.26 -7.79
N THR C 142 19.59 14.24 -7.37
CA THR C 142 20.64 13.66 -8.20
C THR C 142 20.64 12.16 -8.23
N ASN C 143 20.71 11.59 -9.44
CA ASN C 143 20.67 10.18 -9.58
C ASN C 143 22.03 9.55 -9.68
N VAL C 144 22.26 8.44 -8.98
CA VAL C 144 23.57 7.80 -8.97
C VAL C 144 23.26 6.42 -9.53
N SER C 145 23.69 6.16 -10.75
CA SER C 145 23.30 4.87 -11.37
C SER C 145 24.26 3.74 -10.97
N GLN C 146 23.77 2.50 -10.96
CA GLN C 146 24.66 1.31 -10.82
C GLN C 146 25.73 1.24 -11.91
N SER C 147 26.80 0.46 -11.68
CA SER C 147 27.93 0.44 -12.62
C SER C 147 27.61 -0.30 -13.93
N LYS C 148 28.23 0.14 -15.03
CA LYS C 148 28.13 -0.57 -16.30
C LYS C 148 29.13 -1.74 -16.36
N ASP C 149 29.34 -2.41 -15.22
CA ASP C 149 30.51 -3.30 -15.01
C ASP C 149 30.42 -4.16 -13.72
N SER C 150 30.70 -5.46 -13.83
CA SER C 150 30.67 -6.39 -12.68
C SER C 150 31.90 -6.32 -11.73
N ASP C 151 32.98 -5.67 -12.17
CA ASP C 151 34.17 -5.40 -11.34
C ASP C 151 34.31 -3.99 -10.74
N VAL C 152 33.28 -3.17 -10.94
CA VAL C 152 33.24 -1.82 -10.37
C VAL C 152 32.04 -1.78 -9.48
N TYR C 153 32.24 -1.46 -8.20
CA TYR C 153 31.16 -1.42 -7.20
C TYR C 153 30.77 0.02 -6.91
N ILE C 154 29.47 0.29 -6.79
CA ILE C 154 28.98 1.66 -6.53
C ILE C 154 27.89 1.53 -5.51
N THR C 155 28.04 2.16 -4.34
CA THR C 155 26.98 2.14 -3.33
C THR C 155 25.79 2.99 -3.72
N ASP C 156 24.68 2.82 -3.02
CA ASP C 156 23.53 3.75 -3.05
C ASP C 156 24.03 5.05 -2.39
N LYS C 157 23.32 6.15 -2.57
CA LYS C 157 23.67 7.36 -1.84
C LYS C 157 23.35 7.10 -0.36
N CYS C 158 24.04 7.83 0.50
CA CYS C 158 23.89 7.70 1.94
C CYS C 158 23.94 9.18 2.42
N VAL C 159 23.13 9.52 3.40
CA VAL C 159 23.09 10.95 3.85
C VAL C 159 23.84 11.00 5.18
N LEU C 160 24.87 11.83 5.33
CA LEU C 160 25.46 12.03 6.67
C LEU C 160 25.05 13.41 7.23
N ASP C 161 25.03 13.54 8.55
CA ASP C 161 24.64 14.81 9.24
C ASP C 161 25.69 15.24 10.27
N MET C 162 26.41 16.34 9.99
CA MET C 162 27.46 16.88 10.87
C MET C 162 26.78 17.86 11.83
N ARG C 163 26.34 17.33 12.94
CA ARG C 163 25.63 18.17 13.93
C ARG C 163 26.49 19.31 14.45
N SER C 164 27.82 19.19 14.37
CA SER C 164 28.76 20.28 14.80
C SER C 164 28.57 21.50 13.89
N MET C 165 28.02 21.35 12.68
CA MET C 165 27.98 22.50 11.73
C MET C 165 26.58 22.68 11.15
N ASP C 166 25.62 21.93 11.68
CA ASP C 166 24.30 21.91 11.07
C ASP C 166 24.31 21.60 9.57
N PHE C 167 24.94 20.49 9.18
CA PHE C 167 25.34 20.34 7.78
C PHE C 167 25.11 18.93 7.38
N LYS C 168 24.30 18.76 6.36
CA LYS C 168 24.12 17.42 5.79
C LYS C 168 24.69 17.29 4.40
N SER C 169 25.07 16.05 4.06
CA SER C 169 25.54 15.77 2.71
C SER C 169 25.20 14.41 2.20
N ASN C 170 24.97 14.34 0.88
CA ASN C 170 24.77 13.06 0.25
C ASN C 170 26.08 12.58 -0.21
N SER C 171 26.35 11.28 -0.10
CA SER C 171 27.55 10.77 -0.81
C SER C 171 27.26 9.39 -1.44
N ALA C 172 28.14 8.97 -2.31
CA ALA C 172 28.14 7.56 -2.81
C ALA C 172 29.55 7.15 -3.06
N VAL C 173 29.88 5.86 -2.85
CA VAL C 173 31.28 5.47 -2.85
C VAL C 173 31.45 4.41 -3.97
N ALA C 174 32.56 4.45 -4.66
CA ALA C 174 32.83 3.44 -5.70
C ALA C 174 34.29 2.97 -5.64
N TRP C 175 34.50 1.70 -5.99
CA TRP C 175 35.84 1.15 -6.03
C TRP C 175 35.90 -0.03 -6.99
N SER C 176 37.12 -0.42 -7.29
CA SER C 176 37.39 -1.53 -8.22
C SER C 176 38.79 -2.07 -8.08
N ASN C 177 38.96 -3.29 -8.56
CA ASN C 177 40.19 -4.03 -8.45
C ASN C 177 41.03 -3.72 -9.70
N LYS C 178 40.39 -3.82 -10.87
CA LYS C 178 40.99 -3.46 -12.15
C LYS C 178 41.80 -2.18 -12.01
N SER C 179 43.13 -2.28 -12.12
CA SER C 179 44.02 -1.10 -12.11
C SER C 179 44.05 -0.50 -13.51
N ASP C 180 44.34 0.80 -13.57
CA ASP C 180 43.94 1.70 -14.69
C ASP C 180 42.51 2.22 -14.45
N PHE C 181 41.98 1.90 -13.25
CA PHE C 181 40.65 2.34 -12.83
C PHE C 181 40.74 3.77 -12.32
N ALA C 182 39.88 4.59 -12.91
CA ALA C 182 39.89 6.01 -12.66
C ALA C 182 38.56 6.42 -12.12
N CYS C 183 38.59 7.39 -11.20
CA CYS C 183 37.39 7.94 -10.66
C CYS C 183 36.55 8.56 -11.77
N ALA C 184 37.24 9.08 -12.78
CA ALA C 184 36.59 9.49 -13.98
C ALA C 184 35.58 8.46 -14.55
N ASN C 185 35.85 7.14 -14.49
CA ASN C 185 34.91 6.09 -14.99
C ASN C 185 33.72 5.83 -14.11
N ALA C 186 33.94 6.02 -12.82
CA ALA C 186 33.14 5.40 -11.80
C ALA C 186 31.66 5.74 -11.86
N PHE C 187 31.33 7.03 -11.90
CA PHE C 187 29.94 7.46 -11.73
C PHE C 187 29.33 7.89 -13.08
N ASN D 1 19.69 -3.16 34.12
CA ASN D 1 18.48 -4.06 34.09
C ASN D 1 18.40 -4.86 32.81
N ALA D 2 17.27 -4.76 32.09
CA ALA D 2 17.07 -5.50 30.82
C ALA D 2 16.06 -4.93 29.78
N GLY D 3 14.75 -4.95 30.07
CA GLY D 3 13.75 -4.95 29.00
C GLY D 3 13.83 -6.35 28.42
N VAL D 4 13.57 -6.51 27.12
CA VAL D 4 13.61 -7.83 26.47
C VAL D 4 15.00 -8.07 25.86
N THR D 5 15.66 -9.17 26.23
CA THR D 5 16.97 -9.44 25.66
C THR D 5 17.01 -10.79 24.93
N GLN D 6 17.81 -10.93 23.88
CA GLN D 6 17.82 -12.13 23.00
C GLN D 6 19.23 -12.54 22.75
N THR D 7 19.46 -13.84 22.65
CA THR D 7 20.82 -14.36 22.52
C THR D 7 20.78 -15.47 21.50
N PRO D 8 21.72 -15.50 20.55
CA PRO D 8 22.71 -14.50 20.08
C PRO D 8 22.08 -13.38 19.22
N LYS D 9 22.85 -12.35 18.86
CA LYS D 9 22.34 -11.34 17.96
C LYS D 9 22.39 -11.86 16.55
N PHE D 10 23.36 -12.75 16.27
CA PHE D 10 23.62 -13.24 14.92
C PHE D 10 23.96 -14.73 14.93
N GLN D 11 23.68 -15.45 13.86
CA GLN D 11 24.00 -16.85 13.82
C GLN D 11 24.02 -17.41 12.41
N VAL D 12 25.11 -18.13 12.12
CA VAL D 12 25.26 -18.80 10.86
C VAL D 12 25.02 -20.32 11.11
N LEU D 13 24.25 -20.97 10.28
CA LEU D 13 24.00 -22.40 10.43
C LEU D 13 24.16 -23.13 9.12
N LYS D 14 24.67 -24.36 9.25
CA LYS D 14 24.72 -25.29 8.13
C LYS D 14 23.35 -25.92 8.09
N THR D 15 22.80 -26.10 6.90
CA THR D 15 21.49 -26.74 6.74
C THR D 15 21.46 -27.99 7.58
N GLY D 16 20.34 -28.26 8.23
CA GLY D 16 20.24 -29.39 9.14
C GLY D 16 20.70 -29.23 10.59
N GLN D 17 21.57 -28.27 10.90
CA GLN D 17 21.90 -28.02 12.30
C GLN D 17 20.65 -27.57 13.07
N SER D 18 20.63 -27.79 14.37
CA SER D 18 19.55 -27.24 15.16
C SER D 18 20.09 -26.05 15.96
N MET D 19 19.18 -25.19 16.42
CA MET D 19 19.54 -24.01 17.21
C MET D 19 18.44 -23.66 18.22
N THR D 20 18.82 -23.03 19.32
CA THR D 20 17.90 -22.40 20.23
C THR D 20 18.17 -20.92 20.29
N LEU D 21 17.12 -20.10 20.12
CA LEU D 21 17.24 -18.66 20.37
C LEU D 21 16.70 -18.40 21.75
N GLN D 22 17.46 -17.70 22.58
CA GLN D 22 17.01 -17.37 23.95
C GLN D 22 16.34 -16.01 23.95
N CYS D 23 15.24 -15.91 24.65
CA CYS D 23 14.61 -14.64 24.86
C CYS D 23 14.32 -14.53 26.35
N ALA D 24 14.71 -13.42 26.98
CA ALA D 24 14.41 -13.14 28.38
C ALA D 24 13.94 -11.73 28.65
N GLN D 25 12.98 -11.63 29.56
CA GLN D 25 12.46 -10.38 30.04
C GLN D 25 12.33 -10.43 31.53
N ASP D 26 12.85 -9.40 32.18
CA ASP D 26 12.77 -9.25 33.64
C ASP D 26 11.71 -8.21 34.03
N MET D 27 10.63 -8.14 33.26
CA MET D 27 9.58 -7.14 33.45
C MET D 27 8.34 -7.84 34.04
N ASN D 28 8.51 -9.13 34.36
CA ASN D 28 7.44 -9.97 34.88
C ASN D 28 6.28 -10.02 33.92
N HIS D 29 6.53 -9.75 32.64
CA HIS D 29 5.47 -9.78 31.64
C HIS D 29 4.97 -11.18 31.54
N GLU D 30 3.66 -11.36 31.35
CA GLU D 30 3.10 -12.70 31.29
C GLU D 30 3.01 -13.21 29.86
N TYR D 31 2.88 -12.30 28.90
CA TYR D 31 2.64 -12.66 27.51
C TYR D 31 3.98 -12.51 26.76
N MET D 32 4.33 -13.52 25.93
CA MET D 32 5.56 -13.52 25.11
C MET D 32 5.27 -14.12 23.71
N SER D 33 5.96 -13.64 22.68
CA SER D 33 5.70 -14.12 21.31
C SER D 33 6.97 -14.15 20.54
N TRP D 34 7.01 -14.95 19.49
CA TRP D 34 8.18 -14.94 18.62
C TRP D 34 7.65 -14.60 17.29
N TYR D 35 8.33 -13.70 16.58
CA TYR D 35 8.02 -13.38 15.20
C TYR D 35 9.24 -13.59 14.35
N ARG D 36 9.05 -13.84 13.06
CA ARG D 36 10.13 -13.68 12.09
C ARG D 36 9.75 -12.60 11.10
N GLN D 37 10.79 -11.99 10.51
CA GLN D 37 10.59 -10.87 9.59
C GLN D 37 11.45 -11.13 8.41
N ASP D 38 10.83 -11.20 7.24
CA ASP D 38 11.51 -11.49 5.98
C ASP D 38 11.38 -10.31 5.03
N PRO D 39 12.46 -10.01 4.28
CA PRO D 39 12.39 -8.92 3.30
C PRO D 39 11.12 -9.04 2.46
N GLY D 40 10.22 -8.06 2.61
CA GLY D 40 8.99 -8.04 1.83
C GLY D 40 7.80 -8.70 2.45
N MET D 41 7.92 -9.17 3.69
CA MET D 41 6.81 -9.87 4.35
C MET D 41 6.30 -9.19 5.63
N GLY D 42 7.08 -8.28 6.24
CA GLY D 42 6.79 -7.79 7.61
C GLY D 42 6.97 -8.84 8.73
N LEU D 43 6.41 -8.60 9.91
CA LEU D 43 6.52 -9.53 11.06
C LEU D 43 5.49 -10.63 11.01
N ARG D 44 5.88 -11.88 11.23
CA ARG D 44 4.87 -12.98 11.13
C ARG D 44 4.99 -13.73 12.41
N LEU D 45 3.91 -13.80 13.19
CA LEU D 45 3.88 -14.55 14.46
C LEU D 45 4.18 -16.07 14.32
N ILE D 46 5.09 -16.59 15.15
CA ILE D 46 5.45 -18.03 15.03
C ILE D 46 4.75 -18.86 16.14
N HIS D 47 4.94 -18.47 17.39
CA HIS D 47 4.35 -19.11 18.56
C HIS D 47 4.23 -18.02 19.57
N TYR D 48 3.43 -18.27 20.60
CA TYR D 48 3.24 -17.29 21.68
C TYR D 48 2.79 -17.99 22.93
N SER D 49 2.91 -17.30 24.07
CA SER D 49 2.67 -17.91 25.35
C SER D 49 2.02 -16.89 26.21
N VAL D 50 0.85 -17.24 26.73
CA VAL D 50 0.11 -16.33 27.59
C VAL D 50 0.61 -16.38 29.02
N GLY D 51 1.47 -17.36 29.32
CA GLY D 51 2.02 -17.52 30.69
C GLY D 51 2.81 -18.83 30.87
N ALA D 52 3.37 -19.06 32.05
CA ALA D 52 4.20 -20.26 32.28
C ALA D 52 3.41 -21.54 32.01
N GLY D 53 4.04 -22.51 31.37
CA GLY D 53 3.44 -23.79 31.09
C GLY D 53 2.41 -23.79 29.97
N ILE D 54 2.20 -22.65 29.30
CA ILE D 54 1.22 -22.53 28.22
C ILE D 54 1.81 -21.91 26.95
N THR D 55 1.67 -22.59 25.83
CA THR D 55 2.15 -22.02 24.60
C THR D 55 1.15 -22.38 23.49
N ASP D 56 0.99 -21.49 22.52
CA ASP D 56 0.09 -21.69 21.39
C ASP D 56 0.77 -21.28 20.11
N GLN D 57 0.32 -21.85 18.99
CA GLN D 57 0.90 -21.66 17.67
C GLN D 57 0.41 -20.35 17.08
N GLY D 58 1.22 -19.72 16.20
CA GLY D 58 0.78 -18.53 15.43
C GLY D 58 0.54 -18.83 13.94
N GLU D 59 0.86 -17.88 13.07
CA GLU D 59 0.71 -18.12 11.63
C GLU D 59 1.75 -19.05 11.01
N VAL D 60 3.02 -19.00 11.44
CA VAL D 60 4.03 -19.88 10.82
C VAL D 60 4.77 -20.76 11.81
N PRO D 61 4.03 -21.70 12.47
CA PRO D 61 4.66 -22.46 13.55
C PRO D 61 5.63 -23.54 13.08
N ASN D 62 5.52 -23.96 11.81
CA ASN D 62 6.26 -25.15 11.30
C ASN D 62 7.76 -25.03 11.22
N GLY D 63 8.46 -25.99 11.82
CA GLY D 63 9.90 -25.94 11.93
C GLY D 63 10.36 -25.40 13.26
N TYR D 64 9.44 -24.86 14.08
CA TYR D 64 9.82 -24.33 15.42
C TYR D 64 9.06 -24.94 16.63
N ASN D 65 9.74 -25.14 17.76
CA ASN D 65 9.07 -25.38 19.05
C ASN D 65 9.41 -24.28 19.98
N VAL D 66 8.60 -24.15 21.03
CA VAL D 66 8.87 -23.20 22.09
C VAL D 66 8.62 -23.91 23.42
N SER D 67 8.97 -23.25 24.53
CA SER D 67 8.69 -23.76 25.86
C SER D 67 8.61 -22.54 26.78
N ARG D 68 7.58 -22.49 27.62
CA ARG D 68 7.54 -21.48 28.65
C ARG D 68 7.53 -22.20 30.00
N SER D 69 8.69 -22.41 30.60
CA SER D 69 8.73 -22.93 31.96
C SER D 69 8.55 -21.81 32.96
N THR D 70 9.29 -20.73 32.75
CA THR D 70 9.27 -19.62 33.69
C THR D 70 8.51 -18.47 33.04
N THR D 71 8.21 -17.45 33.85
CA THR D 71 7.70 -16.21 33.33
C THR D 71 8.81 -15.46 32.52
N GLU D 72 10.07 -15.61 32.95
CA GLU D 72 11.20 -14.84 32.41
C GLU D 72 11.63 -15.21 30.99
N ASP D 73 11.59 -16.52 30.70
CA ASP D 73 12.23 -17.08 29.50
C ASP D 73 11.27 -17.74 28.51
N PHE D 74 11.60 -17.58 27.23
CA PHE D 74 10.76 -18.10 26.16
C PHE D 74 11.62 -18.57 25.01
N PRO D 75 12.31 -19.73 25.19
CA PRO D 75 13.24 -20.15 24.15
C PRO D 75 12.54 -20.60 22.88
N LEU D 76 13.12 -20.26 21.73
CA LEU D 76 12.69 -20.76 20.46
C LEU D 76 13.74 -21.71 19.84
N ARG D 77 13.23 -22.86 19.41
CA ARG D 77 14.08 -23.96 18.96
C ARG D 77 13.78 -24.23 17.48
N LEU D 78 14.83 -24.16 16.67
CA LEU D 78 14.82 -24.58 15.29
C LEU D 78 15.33 -26.00 15.29
N LEU D 79 14.46 -26.87 14.81
CA LEU D 79 14.71 -28.30 14.91
C LEU D 79 15.74 -28.77 13.91
N SER D 80 15.68 -28.21 12.72
CA SER D 80 16.57 -28.63 11.67
C SER D 80 16.62 -27.56 10.61
N ALA D 81 17.67 -26.74 10.64
CA ALA D 81 17.82 -25.55 9.79
C ALA D 81 17.62 -25.81 8.31
N ALA D 82 16.82 -24.92 7.68
CA ALA D 82 16.63 -24.93 6.23
C ALA D 82 16.90 -23.54 5.63
N PRO D 83 17.38 -23.48 4.38
CA PRO D 83 17.69 -22.15 3.86
C PRO D 83 16.51 -21.18 3.98
N SER D 84 15.29 -21.69 3.78
CA SER D 84 14.09 -20.87 3.92
C SER D 84 13.96 -20.16 5.29
N GLN D 85 14.70 -20.61 6.30
CA GLN D 85 14.62 -20.08 7.67
C GLN D 85 15.61 -18.96 7.96
N THR D 86 16.36 -18.60 6.94
CA THR D 86 17.17 -17.36 6.94
C THR D 86 16.24 -16.15 7.11
N SER D 87 16.47 -15.34 8.14
CA SER D 87 15.46 -14.37 8.53
C SER D 87 15.95 -13.61 9.73
N VAL D 88 15.14 -12.67 10.21
CA VAL D 88 15.46 -12.02 11.49
C VAL D 88 14.33 -12.40 12.43
N TYR D 89 14.67 -12.90 13.62
CA TYR D 89 13.67 -13.29 14.67
C TYR D 89 13.65 -12.29 15.77
N PHE D 90 12.45 -11.90 16.14
CA PHE D 90 12.19 -10.98 17.23
C PHE D 90 11.35 -11.62 18.27
N CYS D 91 11.81 -11.48 19.49
CA CYS D 91 10.98 -11.84 20.65
C CYS D 91 10.27 -10.54 21.15
N ALA D 92 9.03 -10.67 21.62
CA ALA D 92 8.23 -9.51 22.09
C ALA D 92 7.46 -9.93 23.37
N SER D 93 7.29 -9.00 24.31
CA SER D 93 6.48 -9.28 25.47
C SER D 93 5.52 -8.13 25.77
N ARG D 94 4.54 -8.46 26.60
CA ARG D 94 3.55 -7.49 27.09
C ARG D 94 3.05 -7.95 28.46
N PRO D 95 2.69 -6.99 29.34
CA PRO D 95 2.19 -7.29 30.68
C PRO D 95 1.18 -8.45 30.72
N GLY D 96 0.30 -8.54 29.72
CA GLY D 96 -0.61 -9.69 29.57
C GLY D 96 -1.98 -9.45 30.16
N MET D 98 -4.04 -9.24 32.06
CA MET D 98 -5.27 -8.66 31.56
C MET D 98 -5.08 -7.19 31.15
N SER D 99 -5.68 -6.76 30.05
CA SER D 99 -6.47 -7.64 29.18
C SER D 99 -6.13 -7.40 27.70
N ALA D 100 -6.01 -6.13 27.33
CA ALA D 100 -5.47 -5.77 26.03
C ALA D 100 -4.41 -4.70 26.24
N GLN D 101 -4.80 -3.40 26.27
CA GLN D 101 -3.88 -2.24 26.13
C GLN D 101 -2.47 -2.66 25.60
N PRO D 102 -2.42 -3.29 24.41
CA PRO D 102 -1.25 -4.11 24.08
C PRO D 102 -0.15 -3.41 23.28
N GLU D 103 0.51 -2.44 23.92
CA GLU D 103 1.84 -2.07 23.46
C GLU D 103 2.68 -3.37 23.43
N GLN D 104 3.43 -3.61 22.35
CA GLN D 104 4.42 -4.69 22.35
C GLN D 104 5.83 -4.12 22.45
N TYR D 105 6.64 -4.68 23.36
CA TYR D 105 8.07 -4.37 23.54
C TYR D 105 8.90 -5.46 22.90
N PHE D 106 9.85 -5.08 22.04
CA PHE D 106 10.56 -6.05 21.22
C PHE D 106 12.00 -6.26 21.73
N GLY D 107 12.51 -7.48 21.64
CA GLY D 107 13.96 -7.69 21.78
C GLY D 107 14.68 -7.04 20.60
N PRO D 108 16.02 -7.09 20.56
CA PRO D 108 16.74 -6.43 19.46
C PRO D 108 16.81 -7.28 18.22
N GLY D 109 16.37 -8.53 18.31
CA GLY D 109 16.35 -9.32 17.11
C GLY D 109 17.56 -10.21 17.01
N THR D 110 17.38 -11.33 16.30
CA THR D 110 18.43 -12.31 16.04
C THR D 110 18.45 -12.60 14.56
N ARG D 111 19.59 -12.34 13.92
CA ARG D 111 19.67 -12.52 12.50
C ARG D 111 20.34 -13.87 12.20
N LEU D 112 19.62 -14.67 11.43
CA LEU D 112 20.02 -16.03 11.20
C LEU D 112 20.32 -16.17 9.73
N THR D 113 21.47 -16.74 9.42
CA THR D 113 21.73 -17.15 8.07
C THR D 113 21.97 -18.66 7.99
N VAL D 114 21.24 -19.35 7.09
CA VAL D 114 21.40 -20.82 6.84
C VAL D 114 22.14 -21.11 5.54
N THR D 115 23.28 -21.77 5.64
CA THR D 115 24.05 -22.04 4.45
C THR D 115 24.30 -23.54 4.20
N GLU D 116 24.53 -23.89 2.94
CA GLU D 116 24.78 -25.28 2.54
C GLU D 116 26.13 -25.77 3.12
N ASP D 117 27.12 -24.89 3.08
CA ASP D 117 28.48 -25.25 3.45
C ASP D 117 29.19 -24.10 4.19
N LEU D 118 29.74 -24.41 5.36
CA LEU D 118 30.44 -23.45 6.22
C LEU D 118 31.76 -22.93 5.62
N LYS D 119 32.24 -23.53 4.54
CA LYS D 119 33.40 -23.02 3.78
C LYS D 119 33.05 -21.71 3.09
N ASN D 120 31.75 -21.39 3.04
CA ASN D 120 31.26 -20.15 2.45
C ASN D 120 31.50 -18.92 3.37
N VAL D 121 31.84 -19.20 4.62
CA VAL D 121 32.03 -18.19 5.64
C VAL D 121 33.41 -17.53 5.56
N PHE D 122 33.41 -16.20 5.60
CA PHE D 122 34.63 -15.42 5.44
C PHE D 122 34.49 -14.13 6.30
N PRO D 123 35.52 -13.81 7.08
CA PRO D 123 35.61 -12.50 7.79
C PRO D 123 35.75 -11.38 6.78
N PRO D 124 35.45 -10.13 7.19
CA PRO D 124 35.72 -9.02 6.27
C PRO D 124 37.20 -8.65 6.33
N GLU D 125 37.72 -8.11 5.23
CA GLU D 125 38.92 -7.27 5.31
C GLU D 125 38.41 -5.83 5.41
N VAL D 126 39.14 -5.00 6.16
CA VAL D 126 38.69 -3.64 6.52
C VAL D 126 39.83 -2.70 6.20
N ALA D 127 39.53 -1.57 5.58
CA ALA D 127 40.53 -0.56 5.26
C ALA D 127 39.92 0.84 5.34
N VAL D 128 40.75 1.85 5.75
CA VAL D 128 40.33 3.24 5.92
C VAL D 128 41.04 4.11 4.89
N PHE D 129 40.30 4.84 4.07
CA PHE D 129 40.86 5.69 3.05
C PHE D 129 40.81 7.15 3.53
N GLU D 130 41.96 7.81 3.50
CA GLU D 130 42.12 9.15 4.04
C GLU D 130 41.50 10.15 3.09
N PRO D 131 41.16 11.34 3.59
CA PRO D 131 40.42 12.33 2.83
C PRO D 131 41.27 12.91 1.69
N SER D 132 40.61 13.26 0.60
CA SER D 132 41.18 13.99 -0.53
C SER D 132 41.57 15.43 -0.14
N GLU D 133 42.82 15.81 -0.44
CA GLU D 133 43.23 17.19 -0.36
C GLU D 133 42.34 18.21 -1.18
N ALA D 134 41.83 17.82 -2.34
CA ALA D 134 40.85 18.65 -3.07
C ALA D 134 39.56 18.87 -2.26
N GLU D 135 39.07 17.82 -1.59
CA GLU D 135 37.88 18.04 -0.71
C GLU D 135 38.18 19.10 0.35
N ILE D 136 39.30 18.91 0.99
CA ILE D 136 39.66 19.78 2.08
C ILE D 136 39.71 21.22 1.51
N SER D 137 40.32 21.42 0.35
CA SER D 137 40.57 22.83 0.03
C SER D 137 39.30 23.43 -0.53
N HIS D 138 38.47 22.65 -1.20
CA HIS D 138 37.20 23.20 -1.66
C HIS D 138 36.15 23.33 -0.61
N THR D 139 36.08 22.40 0.34
CA THR D 139 34.88 22.37 1.24
C THR D 139 35.20 22.69 2.70
N GLN D 140 36.48 22.70 3.07
CA GLN D 140 36.94 22.80 4.47
C GLN D 140 36.41 21.66 5.36
N LYS D 141 36.08 20.51 4.78
CA LYS D 141 35.66 19.31 5.53
C LYS D 141 36.49 18.16 4.95
N ALA D 142 36.41 16.97 5.56
CA ALA D 142 37.33 15.88 5.26
C ALA D 142 36.58 14.60 5.52
N THR D 143 36.30 13.87 4.45
CA THR D 143 35.56 12.65 4.57
C THR D 143 36.51 11.47 4.55
N LEU D 144 36.56 10.69 5.62
CA LEU D 144 37.20 9.35 5.57
C LEU D 144 36.23 8.28 5.12
N VAL D 145 36.72 7.28 4.38
CA VAL D 145 35.89 6.17 4.01
C VAL D 145 36.42 4.88 4.61
N CYS D 146 35.54 4.04 5.13
CA CYS D 146 35.90 2.73 5.65
C CYS D 146 35.33 1.71 4.67
N LEU D 147 36.11 0.71 4.19
CA LEU D 147 35.52 -0.33 3.33
C LEU D 147 35.68 -1.69 3.99
N ALA D 148 34.57 -2.42 4.19
CA ALA D 148 34.68 -3.80 4.70
C ALA D 148 34.31 -4.70 3.51
N THR D 149 35.21 -5.60 3.14
CA THR D 149 35.01 -6.40 1.90
C THR D 149 35.18 -7.91 2.11
N GLY D 150 34.57 -8.68 1.20
CA GLY D 150 34.75 -10.13 1.20
C GLY D 150 34.09 -10.94 2.31
N PHE D 151 33.10 -10.41 3.01
CA PHE D 151 32.56 -11.20 4.14
C PHE D 151 31.27 -11.97 3.82
N TYR D 152 31.09 -13.09 4.52
CA TYR D 152 29.86 -13.87 4.46
C TYR D 152 29.81 -14.59 5.81
N PRO D 153 28.62 -14.69 6.43
CA PRO D 153 27.35 -14.14 5.95
C PRO D 153 27.33 -12.60 6.23
N ASP D 154 26.18 -12.01 5.99
CA ASP D 154 25.96 -10.58 6.09
C ASP D 154 25.74 -10.15 7.55
N HIS D 155 26.69 -10.51 8.39
CA HIS D 155 26.54 -10.42 9.86
C HIS D 155 27.63 -9.57 10.44
N VAL D 156 27.50 -8.24 10.30
CA VAL D 156 28.57 -7.32 10.75
C VAL D 156 27.91 -6.13 11.46
N GLU D 157 28.70 -5.45 12.28
CA GLU D 157 28.26 -4.16 12.83
C GLU D 157 29.51 -3.26 12.70
N LEU D 158 29.42 -2.17 11.94
CA LEU D 158 30.56 -1.28 11.74
C LEU D 158 30.39 -0.03 12.58
N SER D 159 31.45 0.40 13.27
CA SER D 159 31.41 1.62 14.10
C SER D 159 32.65 2.47 13.81
N TRP D 160 32.51 3.77 14.04
CA TRP D 160 33.61 4.72 14.07
C TRP D 160 33.96 5.19 15.44
N TRP D 161 35.28 5.30 15.69
CA TRP D 161 35.83 5.71 16.96
C TRP D 161 36.78 6.82 16.74
N VAL D 162 36.57 7.95 17.41
CA VAL D 162 37.46 9.10 17.26
C VAL D 162 38.05 9.36 18.64
N ASN D 163 39.38 9.31 18.77
CA ASN D 163 40.07 9.46 20.08
C ASN D 163 39.50 8.53 21.14
N GLY D 164 39.18 7.32 20.73
CA GLY D 164 38.77 6.28 21.66
C GLY D 164 37.30 6.26 22.05
N LYS D 165 36.48 7.12 21.45
CA LYS D 165 35.02 7.20 21.76
C LYS D 165 34.18 7.03 20.54
N GLU D 166 33.09 6.25 20.65
CA GLU D 166 32.29 5.92 19.46
C GLU D 166 31.61 7.21 18.97
N VAL D 167 31.60 7.47 17.67
CA VAL D 167 30.91 8.65 17.16
C VAL D 167 29.73 8.29 16.27
N HIS D 168 28.68 9.10 16.26
CA HIS D 168 27.51 8.84 15.43
C HIS D 168 27.32 10.05 14.58
N SER D 169 27.67 11.25 15.06
CA SER D 169 27.55 12.46 14.23
C SER D 169 28.46 12.42 13.02
N GLY D 170 28.00 12.83 11.85
CA GLY D 170 28.89 12.95 10.70
C GLY D 170 29.23 11.59 10.04
N VAL D 171 28.48 10.55 10.36
CA VAL D 171 28.77 9.19 9.89
C VAL D 171 27.62 8.76 9.02
N CYS D 172 27.90 8.04 7.92
CA CYS D 172 26.81 7.20 7.40
C CYS D 172 27.33 5.91 6.75
N THR D 173 26.68 4.81 7.07
CA THR D 173 27.10 3.47 6.67
C THR D 173 26.04 2.98 5.72
N ASP D 174 26.41 2.32 4.65
CA ASP D 174 25.38 1.76 3.77
C ASP D 174 24.36 0.95 4.53
N PRO D 175 23.06 1.14 4.23
CA PRO D 175 22.04 0.40 4.98
C PRO D 175 22.09 -1.09 4.59
N GLN D 176 22.40 -1.38 3.33
CA GLN D 176 22.73 -2.80 3.00
C GLN D 176 24.04 -2.95 2.24
N PRO D 177 24.72 -4.06 2.48
CA PRO D 177 25.86 -4.56 1.68
C PRO D 177 25.59 -4.76 0.18
N LEU D 178 26.64 -4.61 -0.62
CA LEU D 178 26.61 -4.97 -2.02
C LEU D 178 27.04 -6.42 -2.08
N LYS D 179 26.28 -7.25 -2.82
CA LYS D 179 26.76 -8.59 -3.16
C LYS D 179 27.95 -8.42 -4.09
N GLU D 180 29.10 -9.01 -3.74
CA GLU D 180 30.22 -9.05 -4.71
C GLU D 180 29.97 -9.84 -6.04
N GLN D 181 29.12 -10.87 -5.97
CA GLN D 181 28.69 -11.63 -7.15
C GLN D 181 27.19 -11.69 -7.14
N PRO D 182 26.49 -10.69 -7.70
CA PRO D 182 25.06 -10.65 -7.34
C PRO D 182 24.32 -11.87 -7.87
N ALA D 183 24.90 -12.51 -8.89
CA ALA D 183 24.33 -13.72 -9.46
C ALA D 183 24.48 -14.97 -8.57
N LEU D 184 25.56 -15.07 -7.79
CA LEU D 184 25.82 -16.25 -6.95
C LEU D 184 25.06 -16.28 -5.62
N ASN D 185 24.61 -17.48 -5.24
CA ASN D 185 23.65 -17.60 -4.13
C ASN D 185 24.20 -17.32 -2.73
N ASP D 186 25.43 -17.74 -2.51
CA ASP D 186 26.08 -17.46 -1.27
C ASP D 186 27.18 -16.41 -1.52
N SER D 187 26.83 -15.35 -2.25
CA SER D 187 27.77 -14.28 -2.59
C SER D 187 28.44 -13.76 -1.32
N ARG D 188 29.71 -13.35 -1.47
CA ARG D 188 30.35 -12.55 -0.41
C ARG D 188 29.89 -11.06 -0.54
N TYR D 189 30.13 -10.26 0.52
CA TYR D 189 29.54 -8.90 0.59
C TYR D 189 30.60 -7.81 0.84
N ALA D 190 30.28 -6.57 0.45
CA ALA D 190 31.10 -5.43 0.82
C ALA D 190 30.17 -4.39 1.47
N LEU D 191 30.72 -3.65 2.45
CA LEU D 191 30.04 -2.52 3.15
C LEU D 191 30.92 -1.27 3.13
N SER D 192 30.36 -0.08 2.82
CA SER D 192 31.15 1.11 3.07
C SER D 192 30.46 2.04 4.11
N SER D 193 31.27 2.94 4.62
CA SER D 193 30.86 3.95 5.60
C SER D 193 31.70 5.18 5.46
N ARG D 194 31.13 6.33 5.75
CA ARG D 194 31.92 7.54 5.64
C ARG D 194 31.88 8.21 7.00
N LEU D 195 32.98 8.83 7.40
CA LEU D 195 32.94 9.73 8.53
C LEU D 195 33.45 11.11 8.06
N ARG D 196 32.65 12.15 8.19
CA ARG D 196 33.09 13.51 7.80
C ARG D 196 33.32 14.44 9.01
N VAL D 197 34.48 15.10 9.04
CA VAL D 197 34.92 15.96 10.14
C VAL D 197 35.41 17.27 9.52
N SER D 198 35.61 18.34 10.31
CA SER D 198 36.17 19.57 9.69
C SER D 198 37.59 19.31 9.27
N ALA D 199 38.07 20.10 8.32
CA ALA D 199 39.42 20.03 7.84
C ALA D 199 40.40 20.22 9.02
N THR D 200 40.12 21.23 9.81
CA THR D 200 40.93 21.52 10.98
C THR D 200 41.08 20.32 11.89
N PHE D 201 40.02 19.56 12.07
CA PHE D 201 40.05 18.41 12.96
C PHE D 201 40.95 17.31 12.35
N TRP D 202 40.72 16.98 11.08
CA TRP D 202 41.52 16.02 10.35
C TRP D 202 42.96 16.49 10.29
N GLN D 203 43.19 17.81 10.27
CA GLN D 203 44.60 18.25 10.17
C GLN D 203 45.44 18.16 11.45
N ASP D 204 44.87 17.70 12.57
CA ASP D 204 45.58 17.62 13.84
C ASP D 204 46.11 16.19 13.95
N PRO D 205 47.47 15.96 13.86
CA PRO D 205 48.12 14.63 13.84
C PRO D 205 47.91 13.85 15.18
N ARG D 206 47.43 14.53 16.20
CA ARG D 206 47.09 13.87 17.46
C ARG D 206 45.63 13.30 17.50
N ASN D 207 44.86 13.52 16.46
CA ASN D 207 43.54 12.86 16.40
C ASN D 207 43.58 11.48 15.75
N HIS D 208 42.88 10.52 16.33
CA HIS D 208 42.94 9.14 15.94
C HIS D 208 41.59 8.78 15.41
N PHE D 209 41.57 8.01 14.34
CA PHE D 209 40.29 7.62 13.66
C PHE D 209 40.38 6.13 13.43
N ARG D 210 39.38 5.35 13.91
CA ARG D 210 39.38 3.91 13.70
C ARG D 210 37.99 3.51 13.24
N CYS D 211 37.96 2.61 12.26
CA CYS D 211 36.74 2.03 11.85
C CYS D 211 36.81 0.59 12.33
N GLN D 212 35.82 0.14 13.12
CA GLN D 212 35.85 -1.22 13.67
C GLN D 212 34.69 -1.99 13.03
N VAL D 213 34.93 -3.21 12.52
CA VAL D 213 33.85 -4.09 12.09
C VAL D 213 33.81 -5.37 12.97
N GLN D 214 32.76 -5.53 13.74
CA GLN D 214 32.57 -6.78 14.51
C GLN D 214 31.89 -7.77 13.56
N PHE D 215 32.51 -8.92 13.30
CA PHE D 215 31.95 -9.90 12.38
C PHE D 215 31.47 -11.09 13.23
N TYR D 216 30.32 -11.66 12.89
CA TYR D 216 29.81 -12.86 13.62
C TYR D 216 29.91 -14.05 12.71
N GLY D 217 30.64 -15.08 13.18
CA GLY D 217 31.00 -16.20 12.28
C GLY D 217 30.99 -17.55 12.99
N LEU D 218 32.01 -18.37 12.77
CA LEU D 218 32.04 -19.73 13.34
C LEU D 218 32.47 -19.61 14.76
N SER D 219 32.20 -20.61 15.59
CA SER D 219 32.81 -20.63 16.92
C SER D 219 34.00 -21.60 17.04
N GLU D 220 34.72 -21.48 18.14
CA GLU D 220 35.66 -22.53 18.54
C GLU D 220 34.80 -23.80 18.74
N ASN D 221 34.96 -24.76 17.82
CA ASN D 221 34.25 -26.07 17.83
C ASN D 221 33.72 -26.51 16.47
N ASP D 222 33.68 -25.60 15.51
CA ASP D 222 33.39 -25.96 14.14
C ASP D 222 34.68 -26.48 13.52
N GLU D 223 34.53 -27.43 12.61
CA GLU D 223 35.67 -28.01 11.92
C GLU D 223 36.25 -27.04 10.92
N TRP D 224 37.57 -26.99 10.83
CA TRP D 224 38.21 -26.15 9.83
C TRP D 224 39.43 -26.78 9.21
N THR D 225 39.36 -27.08 7.91
CA THR D 225 40.48 -27.71 7.23
C THR D 225 41.12 -26.86 6.13
N GLN D 226 40.45 -25.76 5.73
CA GLN D 226 40.92 -24.94 4.58
C GLN D 226 42.26 -24.29 4.83
N ASP D 227 42.86 -23.82 3.73
CA ASP D 227 44.16 -23.14 3.76
C ASP D 227 44.15 -21.86 4.62
N ARG D 228 43.02 -21.17 4.64
CA ARG D 228 42.85 -19.89 5.36
C ARG D 228 42.49 -20.09 6.85
N ALA D 229 42.76 -19.05 7.65
CA ALA D 229 42.37 -19.04 9.06
C ALA D 229 40.86 -19.31 9.18
N LYS D 230 40.48 -19.96 10.27
CA LYS D 230 39.09 -20.31 10.50
C LYS D 230 38.25 -19.06 10.82
N PRO D 231 37.13 -18.84 10.05
CA PRO D 231 36.35 -17.59 10.11
C PRO D 231 35.49 -17.39 11.39
N VAL D 232 36.15 -17.27 12.53
CA VAL D 232 35.46 -17.10 13.80
C VAL D 232 34.91 -15.66 13.95
N THR D 233 34.05 -15.48 14.95
CA THR D 233 33.49 -14.23 15.36
C THR D 233 34.66 -13.38 15.86
N GLN D 234 34.82 -12.17 15.36
CA GLN D 234 36.01 -11.36 15.70
C GLN D 234 35.81 -9.92 15.25
N ILE D 235 36.65 -9.04 15.75
CA ILE D 235 36.64 -7.66 15.27
C ILE D 235 37.81 -7.42 14.36
N VAL D 236 37.53 -6.92 13.15
CA VAL D 236 38.57 -6.48 12.20
C VAL D 236 38.49 -4.94 12.03
N SER D 237 39.62 -4.21 12.11
CA SER D 237 39.54 -2.76 12.19
C SER D 237 40.71 -2.14 11.43
N ALA D 238 40.58 -0.86 11.05
CA ALA D 238 41.69 -0.15 10.42
C ALA D 238 41.58 1.25 10.98
N GLU D 239 42.71 1.96 11.01
CA GLU D 239 42.73 3.27 11.61
C GLU D 239 43.62 4.21 10.85
N ALA D 240 43.52 5.48 11.20
CA ALA D 240 44.40 6.48 10.57
C ALA D 240 44.58 7.54 11.59
N TRP D 241 45.71 8.22 11.50
CA TRP D 241 45.99 9.38 12.33
C TRP D 241 45.72 10.65 11.50
N GLY D 242 45.32 11.75 12.12
CA GLY D 242 45.24 13.04 11.43
C GLY D 242 46.58 13.42 10.81
N ARG D 243 46.59 14.27 9.78
CA ARG D 243 47.87 14.64 9.20
C ARG D 243 47.80 16.05 8.68
N ALA D 244 48.74 16.89 9.14
CA ALA D 244 48.86 18.25 8.61
C ALA D 244 49.28 18.20 7.16
#